data_4BXN
#
_entry.id   4BXN
#
_cell.length_a   81.426
_cell.length_b   81.426
_cell.length_c   115.202
_cell.angle_alpha   90.00
_cell.angle_beta   90.00
_cell.angle_gamma   120.00
#
_symmetry.space_group_name_H-M   'P 32'
#
loop_
_entity.id
_entity.type
_entity.pdbx_description
1 polymer 'KINESIN-LIKE PROTEIN KIF11'
2 non-polymer "ADENOSINE-5'-DIPHOSPHATE"
3 non-polymer 'CADMIUM ION'
4 non-polymer 'CHLORIDE ION'
5 non-polymer N-(3-aminopropyl)-N-[(1R)-1-(3-benzyl-7-chloro-4-oxo-4H-chromen-2-yl)-2-methylpropyl]-4-methylbenzamide
6 water water
#
_entity_poly.entity_id   1
_entity_poly.type   'polypeptide(L)'
_entity_poly.pdbx_seq_one_letter_code
;MASQPNSSAKKKEEKGKNIQVVVRCRPFNLAERKASAHSIVECDPVRKEVSVRTGGLADKSSRKTYTFDMVFGASTKQID
VYRSVVCPILDEVIMGYNCTIFAYGQTGTGKTFTMEGERSPNEEYTWEEDPLAGIIPRTLHQIFEKLTDNGTEFSVKVSL
LEIYNEELFDLLNPSSDVSERLQMFDDPRNKRGVIIKGLEEITVHNKDEVYQILEKGAAKRTTAATLMNAYSSRSHSVFS
VTIHMKETTIDGEELVKIGKLNLVDLAGSENIGRSGAVDKRAREAGNINQSLLTLGRVITALVERTPHVPYRESKLTRIL
QDSLGGRTRTSIIATISPASLNLEETLSTLEYAHRAKNILNKPEVNQK
;
_entity_poly.pdbx_strand_id   A,B
#
loop_
_chem_comp.id
_chem_comp.type
_chem_comp.name
_chem_comp.formula
6LX non-polymer N-(3-aminopropyl)-N-[(1R)-1-(3-benzyl-7-chloro-4-oxo-4H-chromen-2-yl)-2-methylpropyl]-4-methylbenzamide 'C31 H33 Cl N2 O3'
ADP non-polymer ADENOSINE-5'-DIPHOSPHATE 'C10 H15 N5 O10 P2'
CD non-polymer 'CADMIUM ION' 'Cd 2'
CL non-polymer 'CHLORIDE ION' 'Cl -1'
#
# COMPACT_ATOMS: atom_id res chain seq x y z
N GLY A 16 21.96 -2.23 0.07
CA GLY A 16 21.51 -2.37 1.45
C GLY A 16 21.69 -1.08 2.24
N LYS A 17 22.95 -0.66 2.30
CA LYS A 17 23.44 0.47 3.08
C LYS A 17 22.90 1.83 2.65
N ASN A 18 22.65 1.97 1.34
CA ASN A 18 22.31 3.25 0.75
C ASN A 18 21.04 3.84 1.33
N ILE A 19 20.05 2.99 1.58
CA ILE A 19 18.87 3.43 2.31
C ILE A 19 19.30 3.60 3.76
N GLN A 20 19.04 4.77 4.34
CA GLN A 20 19.46 5.03 5.71
C GLN A 20 18.39 5.77 6.51
N VAL A 21 18.38 5.54 7.82
CA VAL A 21 17.45 6.24 8.70
C VAL A 21 18.19 7.10 9.73
N VAL A 22 17.80 8.37 9.82
CA VAL A 22 18.38 9.29 10.79
C VAL A 22 17.29 9.86 11.69
N VAL A 23 17.54 9.86 13.00
CA VAL A 23 16.64 10.47 13.96
C VAL A 23 17.35 11.57 14.72
N ARG A 24 16.73 12.74 14.82
CA ARG A 24 17.40 13.90 15.42
C ARG A 24 16.76 14.38 16.72
N CYS A 25 17.57 14.49 17.76
CA CYS A 25 17.13 14.89 19.09
C CYS A 25 17.92 16.11 19.58
N ARG A 26 17.18 17.05 20.17
CA ARG A 26 17.73 18.29 20.68
C ARG A 26 17.17 18.58 22.06
N PRO A 27 17.83 19.47 22.80
CA PRO A 27 17.36 19.86 24.13
C PRO A 27 16.00 20.57 24.04
N PHE A 28 15.15 20.35 25.03
CA PHE A 28 13.79 20.86 24.97
C PHE A 28 13.79 22.39 24.96
N ASN A 29 12.79 22.98 24.33
CA ASN A 29 12.73 24.43 24.23
C ASN A 29 12.63 25.06 25.62
N LEU A 30 13.26 26.22 25.77
CA LEU A 30 13.28 26.96 27.03
C LEU A 30 11.88 27.40 27.44
N ALA A 31 11.03 27.65 26.44
CA ALA A 31 9.67 28.12 26.63
C ALA A 31 8.77 27.05 27.24
N GLU A 32 9.31 25.84 27.35
CA GLU A 32 8.58 24.63 27.72
C GLU A 32 7.98 24.66 29.12
N ARG A 33 8.57 25.49 29.99
CA ARG A 33 8.24 25.50 31.40
C ARG A 33 6.78 25.86 31.67
N LYS A 34 6.23 26.76 30.88
CA LYS A 34 4.84 27.17 31.05
C LYS A 34 3.95 25.95 30.85
N ALA A 35 4.28 25.15 29.86
CA ALA A 35 3.57 23.90 29.58
C ALA A 35 3.72 22.94 30.76
N SER A 36 4.90 22.93 31.36
CA SER A 36 5.18 22.02 32.47
C SER A 36 5.57 20.63 31.97
N ALA A 37 5.83 20.53 30.67
CA ALA A 37 6.21 19.26 30.07
C ALA A 37 7.52 18.80 30.67
N HIS A 38 7.63 17.50 30.89
CA HIS A 38 8.86 16.92 31.40
C HIS A 38 9.41 16.01 30.36
N SER A 39 10.69 16.16 30.04
CA SER A 39 11.31 15.29 29.04
C SER A 39 12.30 14.31 29.66
N ILE A 40 11.98 13.03 29.59
CA ILE A 40 12.89 11.97 29.99
C ILE A 40 13.65 11.44 28.78
N VAL A 41 13.32 11.96 27.60
CA VAL A 41 13.92 11.50 26.35
C VAL A 41 15.42 11.80 26.25
N GLU A 42 16.18 10.87 25.66
CA GLU A 42 17.61 11.06 25.48
C GLU A 42 18.05 10.69 24.06
N CYS A 43 19.09 11.35 23.57
CA CYS A 43 19.71 10.96 22.29
C CYS A 43 21.22 10.71 22.41
N ASP A 44 21.67 9.50 22.04
CA ASP A 44 23.11 9.21 22.09
C ASP A 44 23.66 8.69 20.76
N PRO A 45 24.56 9.46 20.16
CA PRO A 45 25.21 9.05 18.91
C PRO A 45 26.13 7.83 19.01
N VAL A 46 27.00 7.81 20.02
CA VAL A 46 28.01 6.77 20.14
C VAL A 46 27.39 5.39 20.34
N ARG A 47 26.40 5.32 21.21
CA ARG A 47 25.66 4.09 21.42
C ARG A 47 24.94 3.72 20.13
N LYS A 48 24.40 4.74 19.46
CA LYS A 48 23.62 4.56 18.24
C LYS A 48 22.17 4.22 18.60
N GLU A 49 21.87 4.23 19.88
CA GLU A 49 20.54 3.87 20.37
C GLU A 49 19.91 4.98 21.21
N VAL A 50 18.61 5.20 21.03
CA VAL A 50 17.88 6.16 21.85
C VAL A 50 16.84 5.45 22.71
N SER A 51 16.90 5.68 24.02
CA SER A 51 15.97 5.05 24.95
C SER A 51 15.23 6.07 25.79
N VAL A 52 13.91 5.92 25.90
CA VAL A 52 13.09 6.82 26.69
C VAL A 52 12.31 6.09 27.78
N ARG A 53 12.37 6.60 29.00
CA ARG A 53 11.69 5.97 30.13
C ARG A 53 10.18 5.95 29.93
N THR A 54 9.58 4.78 30.12
CA THR A 54 8.14 4.63 29.96
C THR A 54 7.39 5.44 31.02
N GLY A 55 7.92 5.46 32.24
CA GLY A 55 7.30 6.19 33.33
C GLY A 55 6.13 7.03 32.88
N ALA A 58 6.49 4.83 40.11
CA ALA A 58 6.16 3.41 40.17
C ALA A 58 6.78 2.66 38.99
N ASP A 59 5.98 2.41 37.97
CA ASP A 59 6.46 1.72 36.78
C ASP A 59 7.08 2.72 35.81
N LYS A 60 8.31 3.10 36.08
CA LYS A 60 9.02 4.05 35.24
C LYS A 60 10.42 3.55 34.88
N SER A 61 10.79 2.41 35.45
CA SER A 61 12.09 1.81 35.19
C SER A 61 12.23 1.48 33.70
N SER A 62 11.12 1.10 33.08
CA SER A 62 11.11 0.80 31.66
C SER A 62 11.62 1.95 30.81
N ARG A 63 12.51 1.60 29.88
CA ARG A 63 13.05 2.57 28.93
C ARG A 63 12.97 2.00 27.53
N LYS A 64 12.47 2.79 26.58
CA LYS A 64 12.38 2.36 25.20
C LYS A 64 13.76 2.20 24.59
N THR A 65 13.94 1.15 23.80
CA THR A 65 15.21 0.94 23.10
C THR A 65 15.02 1.05 21.59
N TYR A 66 15.75 1.96 20.97
CA TYR A 66 15.67 2.17 19.53
C TYR A 66 17.05 2.13 18.89
N THR A 67 17.16 1.46 17.74
CA THR A 67 18.43 1.39 17.01
C THR A 67 18.37 2.06 15.62
N PHE A 68 19.34 2.92 15.36
CA PHE A 68 19.51 3.54 14.04
C PHE A 68 20.99 3.60 13.73
N ASP A 69 21.34 3.57 12.45
CA ASP A 69 22.74 3.64 12.07
C ASP A 69 23.31 4.97 12.53
N MET A 70 22.57 6.05 12.28
CA MET A 70 22.98 7.37 12.75
C MET A 70 21.89 8.08 13.53
N VAL A 71 22.24 8.59 14.71
CA VAL A 71 21.29 9.30 15.56
C VAL A 71 21.86 10.63 16.00
N PHE A 72 21.18 11.72 15.63
CA PHE A 72 21.63 13.06 15.99
C PHE A 72 21.30 13.39 17.44
N GLY A 73 22.15 14.19 18.07
CA GLY A 73 21.94 14.58 19.45
C GLY A 73 21.49 16.02 19.60
N ALA A 74 21.34 16.47 20.84
CA ALA A 74 20.91 17.83 21.11
C ALA A 74 22.11 18.76 20.95
N SER A 75 23.27 18.25 21.33
CA SER A 75 24.54 18.95 21.12
C SER A 75 24.86 19.14 19.62
N THR A 76 24.51 18.14 18.82
CA THR A 76 25.03 18.04 17.47
C THR A 76 24.67 19.23 16.60
N LYS A 77 25.65 19.70 15.84
CA LYS A 77 25.48 20.84 14.95
C LYS A 77 24.61 20.48 13.75
N GLN A 78 23.98 21.51 13.17
CA GLN A 78 23.20 21.37 11.95
C GLN A 78 24.10 20.91 10.80
N ILE A 79 25.33 21.41 10.79
CA ILE A 79 26.31 21.07 9.77
C ILE A 79 26.67 19.60 9.79
N ASP A 80 26.74 19.02 10.99
CA ASP A 80 27.16 17.64 11.16
C ASP A 80 26.21 16.68 10.47
N VAL A 81 24.91 16.96 10.59
CA VAL A 81 23.90 16.14 9.93
C VAL A 81 24.03 16.21 8.40
N TYR A 82 24.29 17.41 7.88
CA TYR A 82 24.38 17.58 6.43
C TYR A 82 25.54 16.77 5.88
N ARG A 83 26.69 16.83 6.54
CA ARG A 83 27.83 16.06 6.08
C ARG A 83 27.54 14.56 6.16
N SER A 84 26.90 14.15 7.24
CA SER A 84 26.63 12.72 7.46
C SER A 84 25.70 12.12 6.40
N VAL A 85 24.64 12.84 6.04
CA VAL A 85 23.64 12.31 5.12
C VAL A 85 23.71 12.95 3.74
N VAL A 86 24.05 14.23 3.70
CA VAL A 86 24.11 14.96 2.44
C VAL A 86 25.50 14.88 1.80
N CYS A 87 26.50 15.39 2.50
CA CYS A 87 27.86 15.40 1.98
C CYS A 87 28.21 14.07 1.31
N PRO A 88 27.37 13.06 1.50
CA PRO A 88 27.61 11.77 0.85
C PRO A 88 26.73 11.55 -0.37
N ILE A 89 25.46 11.93 -0.26
CA ILE A 89 24.47 11.77 -1.32
C ILE A 89 24.82 12.58 -2.56
N LEU A 90 25.36 13.78 -2.35
CA LEU A 90 25.62 14.71 -3.43
C LEU A 90 26.61 14.16 -4.44
N ASP A 91 27.63 13.48 -3.95
CA ASP A 91 28.67 12.95 -4.83
C ASP A 91 28.05 11.96 -5.80
N GLU A 92 27.21 11.07 -5.29
CA GLU A 92 26.45 10.17 -6.14
C GLU A 92 25.48 10.96 -7.02
N VAL A 93 24.77 11.89 -6.39
CA VAL A 93 23.89 12.81 -7.12
C VAL A 93 24.68 13.72 -8.04
N ILE A 94 25.85 14.15 -7.57
CA ILE A 94 26.76 14.98 -8.34
C ILE A 94 27.21 14.26 -9.59
N MET A 95 27.37 12.94 -9.46
CA MET A 95 27.72 12.08 -10.58
C MET A 95 26.61 12.11 -11.63
N GLY A 96 25.36 12.17 -11.17
CA GLY A 96 24.22 12.19 -12.06
C GLY A 96 23.23 11.10 -11.73
N TYR A 97 23.03 10.85 -10.44
CA TYR A 97 22.08 9.86 -9.96
C TYR A 97 21.04 10.53 -9.08
N ASN A 98 19.76 10.22 -9.31
CA ASN A 98 18.69 10.81 -8.52
C ASN A 98 18.74 10.37 -7.06
N CYS A 99 18.58 11.33 -6.14
CA CYS A 99 18.57 11.01 -4.72
C CYS A 99 17.49 11.80 -3.97
N THR A 100 16.90 11.20 -2.95
CA THR A 100 15.86 11.87 -2.18
C THR A 100 16.19 11.96 -0.70
N ILE A 101 16.14 13.17 -0.16
CA ILE A 101 16.28 13.39 1.26
C ILE A 101 15.01 14.06 1.77
N PHE A 102 14.40 13.46 2.78
CA PHE A 102 13.14 13.98 3.34
C PHE A 102 13.17 14.00 4.85
N ALA A 103 12.41 14.92 5.45
CA ALA A 103 12.28 14.92 6.90
C ALA A 103 10.81 14.72 7.28
N TYR A 104 10.55 13.68 8.08
CA TYR A 104 9.21 13.37 8.53
C TYR A 104 9.12 13.40 10.06
N GLY A 105 7.90 13.40 10.57
CA GLY A 105 7.67 13.43 12.01
C GLY A 105 6.72 14.55 12.42
N GLN A 106 6.50 14.69 13.71
CA GLN A 106 5.63 15.73 14.23
C GLN A 106 6.02 17.08 13.63
N THR A 107 5.40 18.15 14.09
CA THR A 107 5.71 19.48 13.56
C THR A 107 6.69 20.31 14.40
N GLY A 108 7.39 21.22 13.74
CA GLY A 108 8.32 22.12 14.40
C GLY A 108 9.48 21.49 15.14
N THR A 109 10.05 20.47 14.52
CA THR A 109 11.20 19.75 15.05
C THR A 109 12.48 20.25 14.38
N GLY A 110 12.37 21.41 13.74
CA GLY A 110 13.48 22.01 13.02
C GLY A 110 13.65 21.54 11.59
N LYS A 111 12.68 20.78 11.09
CA LYS A 111 12.80 20.23 9.74
C LYS A 111 12.87 21.37 8.75
N THR A 112 11.97 22.34 8.88
CA THR A 112 11.98 23.51 8.01
C THR A 112 13.25 24.32 8.21
N PHE A 113 13.67 24.49 9.46
CA PHE A 113 14.87 25.26 9.70
C PHE A 113 16.02 24.56 8.99
N THR A 114 16.16 23.26 9.19
CA THR A 114 17.13 22.52 8.42
C THR A 114 16.77 22.53 6.94
N MET A 115 15.52 22.17 6.64
CA MET A 115 15.07 22.10 5.26
C MET A 115 15.06 23.45 4.56
N GLU A 116 14.44 24.45 5.19
CA GLU A 116 14.41 25.79 4.63
C GLU A 116 15.58 26.62 5.13
N GLY A 117 16.27 26.08 6.12
CA GLY A 117 17.43 26.72 6.71
C GLY A 117 17.05 27.70 7.80
N GLU A 118 18.06 28.23 8.48
CA GLU A 118 17.84 29.23 9.51
C GLU A 118 18.87 30.34 9.35
N ARG A 119 18.51 31.55 9.79
CA ARG A 119 19.41 32.69 9.74
C ARG A 119 19.76 33.11 11.16
N SER A 120 21.05 33.33 11.41
CA SER A 120 21.51 33.73 12.74
C SER A 120 20.92 35.08 13.13
N PRO A 121 20.57 35.23 14.40
CA PRO A 121 19.92 36.47 14.87
C PRO A 121 20.84 37.68 14.75
N ASN A 122 20.27 38.82 14.38
CA ASN A 122 21.02 40.05 14.24
C ASN A 122 21.71 40.11 12.88
N GLU A 123 22.54 41.11 12.65
CA GLU A 123 23.33 41.16 11.42
C GLU A 123 24.27 39.95 11.41
N GLU A 124 24.38 39.31 10.26
CA GLU A 124 25.09 38.03 10.17
C GLU A 124 25.95 37.86 8.92
N TYR A 125 26.79 36.84 8.95
CA TYR A 125 27.68 36.54 7.85
C TYR A 125 26.81 36.03 6.72
N THR A 126 27.42 35.82 5.56
CA THR A 126 26.67 35.42 4.38
C THR A 126 25.97 34.11 4.69
N TRP A 127 24.88 33.85 3.97
CA TRP A 127 23.97 32.78 4.31
C TRP A 127 24.68 31.46 4.28
N GLU A 128 25.57 31.29 3.31
CA GLU A 128 26.45 30.14 3.28
C GLU A 128 27.35 30.23 4.51
N GLU A 129 27.75 31.46 4.83
CA GLU A 129 28.54 31.74 6.01
C GLU A 129 27.77 31.40 7.29
N ASP A 130 26.47 31.67 7.31
CA ASP A 130 25.68 31.46 8.52
C ASP A 130 25.62 29.98 8.91
N PRO A 131 25.91 29.71 10.18
CA PRO A 131 25.86 28.36 10.76
C PRO A 131 24.45 27.76 10.77
N LEU A 132 23.45 28.60 10.96
CA LEU A 132 22.07 28.17 11.19
C LEU A 132 21.38 27.39 10.07
N ALA A 133 21.75 27.68 8.83
CA ALA A 133 21.01 27.27 7.65
C ALA A 133 20.86 25.75 7.53
N GLY A 134 19.71 25.35 6.99
CA GLY A 134 19.34 23.96 6.83
C GLY A 134 19.91 23.35 5.58
N ILE A 135 19.43 22.15 5.23
CA ILE A 135 19.99 21.40 4.13
C ILE A 135 19.91 22.12 2.80
N ILE A 136 18.78 22.76 2.53
CA ILE A 136 18.62 23.43 1.24
C ILE A 136 19.66 24.54 1.10
N PRO A 137 19.78 25.38 2.11
CA PRO A 137 20.83 26.39 2.10
C PRO A 137 22.20 25.73 2.15
N ARG A 138 22.38 24.80 3.07
CA ARG A 138 23.61 24.02 3.14
C ARG A 138 23.78 23.13 1.91
N THR A 139 22.72 22.46 1.50
CA THR A 139 22.77 21.60 0.32
C THR A 139 23.05 22.42 -0.93
N LEU A 140 22.38 23.56 -1.03
CA LEU A 140 22.55 24.48 -2.16
C LEU A 140 23.94 25.10 -2.28
N HIS A 141 24.53 25.44 -1.13
CA HIS A 141 25.81 26.11 -1.10
C HIS A 141 26.88 25.28 -1.73
N GLN A 142 26.82 23.97 -1.49
CA GLN A 142 27.83 23.03 -1.98
C GLN A 142 27.92 22.90 -3.50
N ILE A 143 26.78 22.89 -4.17
CA ILE A 143 26.77 22.54 -5.58
C ILE A 143 27.59 23.49 -6.45
N PHE A 144 27.39 24.79 -6.27
CA PHE A 144 28.15 25.76 -7.06
C PHE A 144 29.65 25.72 -6.79
N GLU A 145 30.02 25.71 -5.50
CA GLU A 145 31.42 25.65 -5.13
C GLU A 145 32.10 24.35 -5.55
N LYS A 146 31.42 23.23 -5.34
CA LYS A 146 31.99 21.94 -5.68
C LYS A 146 32.25 21.84 -7.18
N LEU A 147 31.29 22.33 -7.97
CA LEU A 147 31.40 22.29 -9.43
C LEU A 147 32.58 23.14 -9.92
N THR A 148 32.77 24.30 -9.31
CA THR A 148 33.87 25.18 -9.68
C THR A 148 35.19 24.43 -9.60
N ASP A 149 35.38 23.70 -8.52
CA ASP A 149 36.58 22.89 -8.34
C ASP A 149 36.63 21.81 -9.42
N ASN A 150 35.48 21.19 -9.67
CA ASN A 150 35.38 20.20 -10.74
C ASN A 150 35.63 20.79 -12.13
N GLY A 151 35.07 21.97 -12.36
CA GLY A 151 35.32 22.71 -13.59
C GLY A 151 34.46 22.24 -14.75
N THR A 152 33.62 21.24 -14.50
CA THR A 152 32.69 20.76 -15.51
C THR A 152 31.61 21.81 -15.78
N GLU A 153 31.20 21.94 -17.03
CA GLU A 153 30.10 22.86 -17.35
C GLU A 153 28.81 22.32 -16.76
N PHE A 154 28.05 23.19 -16.10
CA PHE A 154 26.81 22.76 -15.46
C PHE A 154 25.66 23.76 -15.62
N SER A 155 24.44 23.23 -15.65
CA SER A 155 23.23 24.05 -15.70
C SER A 155 22.30 23.65 -14.56
N VAL A 156 21.69 24.64 -13.91
CA VAL A 156 20.89 24.37 -12.71
C VAL A 156 19.41 24.70 -12.87
N LYS A 157 18.57 23.72 -12.52
CA LYS A 157 17.12 23.93 -12.52
C LYS A 157 16.55 23.70 -11.13
N VAL A 158 15.77 24.64 -10.64
CA VAL A 158 15.18 24.55 -9.30
C VAL A 158 13.65 24.58 -9.33
N SER A 159 13.02 23.63 -8.64
CA SER A 159 11.55 23.58 -8.60
C SER A 159 11.01 23.32 -7.20
N LEU A 160 9.87 23.93 -6.88
CA LEU A 160 9.24 23.76 -5.57
C LEU A 160 7.78 23.34 -5.64
N LEU A 161 7.38 22.39 -4.79
CA LEU A 161 6.02 21.87 -4.81
C LEU A 161 5.35 21.86 -3.42
N GLU A 162 4.04 22.00 -3.42
CA GLU A 162 3.24 21.95 -2.19
C GLU A 162 2.18 20.87 -2.32
N ILE A 163 2.03 20.09 -1.26
CA ILE A 163 1.07 18.99 -1.26
C ILE A 163 -0.16 19.37 -0.45
N TYR A 164 -1.30 19.34 -1.13
CA TYR A 164 -2.59 19.43 -0.48
C TYR A 164 -3.31 18.23 -1.06
N ASN A 165 -4.23 17.62 -0.31
CA ASN A 165 -4.87 16.42 -0.83
C ASN A 165 -5.62 16.74 -2.11
N GLU A 166 -5.41 15.90 -3.13
CA GLU A 166 -6.05 16.07 -4.41
C GLU A 166 -5.78 17.47 -4.98
N GLU A 167 -4.52 17.89 -4.93
CA GLU A 167 -4.14 19.20 -5.43
C GLU A 167 -2.62 19.40 -5.40
N LEU A 168 -2.11 20.07 -6.43
CA LEU A 168 -0.68 20.35 -6.53
C LEU A 168 -0.45 21.81 -6.89
N PHE A 169 0.57 22.43 -6.30
CA PHE A 169 0.87 23.82 -6.56
C PHE A 169 2.36 24.07 -6.75
N ASP A 170 2.70 25.08 -7.55
CA ASP A 170 4.09 25.42 -7.81
C ASP A 170 4.46 26.76 -7.17
N LEU A 171 5.39 26.69 -6.22
CA LEU A 171 5.80 27.83 -5.42
C LEU A 171 6.50 28.94 -6.22
N LEU A 172 7.30 28.54 -7.20
CA LEU A 172 8.15 29.48 -7.91
C LEU A 172 7.36 30.55 -8.65
N ASN A 173 6.27 30.17 -9.30
CA ASN A 173 5.50 31.13 -10.05
C ASN A 173 4.08 31.30 -9.56
N PRO A 174 3.73 32.54 -9.21
CA PRO A 174 2.34 32.92 -8.95
C PRO A 174 1.65 33.28 -10.27
N SER A 175 2.48 33.51 -11.29
CA SER A 175 1.99 33.92 -12.60
C SER A 175 1.04 32.87 -13.16
N SER A 176 0.26 33.29 -14.17
CA SER A 176 -0.68 32.40 -14.82
C SER A 176 -1.70 31.83 -13.85
N ASP A 177 -1.51 32.04 -12.56
CA ASP A 177 -2.50 31.55 -11.59
C ASP A 177 -2.56 32.45 -10.36
N VAL A 178 -3.77 32.86 -9.98
CA VAL A 178 -3.94 33.55 -8.71
C VAL A 178 -3.59 32.57 -7.58
N SER A 179 -4.07 31.34 -7.72
CA SER A 179 -3.84 30.30 -6.72
C SER A 179 -4.82 29.14 -6.91
N GLU A 180 -4.53 28.26 -7.86
CA GLU A 180 -5.42 27.15 -8.18
C GLU A 180 -4.72 25.79 -8.20
N ARG A 181 -5.45 24.75 -7.82
CA ARG A 181 -4.92 23.38 -7.84
C ARG A 181 -4.65 22.87 -9.26
N LEU A 182 -3.61 22.06 -9.41
CA LEU A 182 -3.17 21.58 -10.71
C LEU A 182 -3.17 20.06 -10.84
N GLN A 183 -3.75 19.57 -11.94
CA GLN A 183 -3.80 18.14 -12.23
C GLN A 183 -2.44 17.58 -12.63
N MET A 184 -2.26 16.27 -12.41
CA MET A 184 -1.00 15.60 -12.75
C MET A 184 -1.21 14.51 -13.80
N PHE A 185 -0.36 14.49 -14.82
CA PHE A 185 -0.49 13.55 -15.93
C PHE A 185 0.69 12.58 -16.06
N ASP A 186 0.39 11.30 -16.17
CA ASP A 186 1.40 10.28 -16.44
C ASP A 186 1.90 10.36 -17.88
N ASP A 187 3.12 9.89 -18.13
CA ASP A 187 3.70 9.95 -19.46
C ASP A 187 3.83 8.58 -20.11
N PRO A 188 3.32 8.46 -21.32
CA PRO A 188 3.34 7.21 -22.10
C PRO A 188 4.75 6.75 -22.47
N ARG A 189 5.63 7.70 -22.80
CA ARG A 189 6.98 7.35 -23.21
C ARG A 189 7.69 6.61 -22.08
N ASN A 190 7.48 7.07 -20.85
CA ASN A 190 7.95 6.34 -19.68
C ASN A 190 6.77 5.91 -18.80
N LYS A 191 6.63 4.61 -18.57
CA LYS A 191 5.53 4.10 -17.77
C LYS A 191 5.64 4.61 -16.33
N ARG A 192 6.86 4.61 -15.81
CA ARG A 192 7.13 5.14 -14.48
C ARG A 192 6.85 6.64 -14.37
N GLY A 193 7.23 7.37 -15.41
CA GLY A 193 7.21 8.83 -15.40
C GLY A 193 5.86 9.51 -15.32
N VAL A 194 5.81 10.59 -14.55
CA VAL A 194 4.61 11.41 -14.42
C VAL A 194 4.94 12.83 -14.86
N ILE A 195 4.09 13.41 -15.69
CA ILE A 195 4.33 14.75 -16.22
C ILE A 195 3.26 15.75 -15.81
N ILE A 196 3.69 16.90 -15.30
CA ILE A 196 2.76 17.95 -14.91
C ILE A 196 2.94 19.18 -15.80
N LYS A 197 1.85 19.61 -16.42
CA LYS A 197 1.87 20.74 -17.33
C LYS A 197 2.13 22.04 -16.60
N GLY A 198 2.92 22.91 -17.21
CA GLY A 198 3.10 24.24 -16.70
C GLY A 198 3.85 24.16 -15.39
N LEU A 199 4.41 22.98 -15.11
CA LEU A 199 5.17 22.84 -13.88
C LEU A 199 6.31 23.81 -14.04
N GLU A 200 6.56 24.62 -13.01
CA GLU A 200 7.56 25.66 -13.16
C GLU A 200 8.87 25.31 -12.48
N GLU A 201 9.86 24.98 -13.31
CA GLU A 201 11.23 24.88 -12.88
C GLU A 201 12.00 25.80 -13.78
N ILE A 202 12.70 26.76 -13.19
CA ILE A 202 13.55 27.64 -13.97
C ILE A 202 14.98 27.39 -13.55
N THR A 203 15.81 27.04 -14.52
CA THR A 203 17.19 26.71 -14.25
C THR A 203 17.87 27.96 -13.72
N VAL A 204 18.78 27.81 -12.77
CA VAL A 204 19.35 29.02 -12.18
C VAL A 204 20.49 29.57 -13.03
N HIS A 205 20.29 30.78 -13.55
CA HIS A 205 21.34 31.48 -14.27
C HIS A 205 22.51 31.82 -13.39
N ASN A 206 22.21 32.30 -12.18
CA ASN A 206 23.25 32.62 -11.20
C ASN A 206 22.94 32.03 -9.82
N LYS A 207 23.96 31.46 -9.19
CA LYS A 207 23.82 30.88 -7.86
C LYS A 207 23.48 31.94 -6.81
N ASP A 208 24.08 33.11 -6.94
CA ASP A 208 23.76 34.27 -6.11
C ASP A 208 22.32 34.71 -6.37
N GLU A 209 21.88 34.52 -7.61
CA GLU A 209 20.56 34.93 -8.07
C GLU A 209 19.41 34.21 -7.38
N VAL A 210 19.72 33.06 -6.78
CA VAL A 210 18.72 32.16 -6.24
C VAL A 210 17.89 32.81 -5.13
N TYR A 211 18.52 33.62 -4.31
CA TYR A 211 17.85 34.21 -3.16
C TYR A 211 16.70 35.11 -3.64
N GLN A 212 16.95 35.92 -4.66
CA GLN A 212 15.88 36.74 -5.19
C GLN A 212 14.78 35.87 -5.76
N ILE A 213 15.17 34.85 -6.53
CA ILE A 213 14.22 33.88 -7.04
C ILE A 213 13.61 33.09 -5.88
N LEU A 214 14.46 32.72 -4.94
CA LEU A 214 14.09 31.95 -3.75
C LEU A 214 13.11 32.69 -2.85
N GLU A 215 13.23 34.01 -2.80
CA GLU A 215 12.46 34.83 -1.88
C GLU A 215 10.97 34.67 -2.12
N LYS A 216 10.59 34.51 -3.39
CA LYS A 216 9.20 34.36 -3.77
C LYS A 216 8.58 33.10 -3.17
N GLY A 217 9.36 32.04 -3.06
CA GLY A 217 8.80 30.79 -2.59
C GLY A 217 8.24 30.95 -1.19
N ALA A 218 8.98 31.62 -0.32
CA ALA A 218 8.51 31.83 1.04
C ALA A 218 7.22 32.65 1.11
N ALA A 219 7.18 33.75 0.37
CA ALA A 219 6.02 34.63 0.42
C ALA A 219 4.74 33.96 -0.09
N LYS A 220 4.80 33.30 -1.24
CA LYS A 220 3.61 32.66 -1.79
C LYS A 220 3.10 31.53 -0.89
N ARG A 221 4.00 30.66 -0.46
CA ARG A 221 3.64 29.59 0.47
C ARG A 221 3.21 30.17 1.82
N THR A 222 3.93 31.18 2.28
CA THR A 222 3.66 31.79 3.59
C THR A 222 2.29 32.46 3.72
N THR A 223 1.90 33.19 2.68
CA THR A 223 0.61 33.90 2.64
C THR A 223 -0.61 32.98 2.64
N ALA A 224 -0.50 31.87 1.92
CA ALA A 224 -1.64 31.02 1.60
C ALA A 224 -1.79 29.78 2.48
N ALA A 225 -1.07 29.73 3.59
CA ALA A 225 -0.97 28.50 4.37
C ALA A 225 -2.30 28.00 4.93
N THR A 226 -3.15 28.91 5.38
CA THR A 226 -4.44 28.56 5.95
C THR A 226 -5.48 28.05 4.94
N LEU A 227 -6.36 27.16 5.40
CA LEU A 227 -7.48 26.68 4.60
C LEU A 227 -7.09 25.97 3.31
N MET A 228 -5.92 25.31 3.28
CA MET A 228 -4.85 25.49 4.25
C MET A 228 -5.23 25.26 5.70
N ASN A 229 -4.64 26.05 6.59
CA ASN A 229 -4.82 25.83 8.01
C ASN A 229 -3.89 24.70 8.49
N ALA A 230 -3.26 24.03 7.53
CA ALA A 230 -2.32 22.95 7.83
C ALA A 230 -0.90 23.22 7.32
N TYR A 231 -0.67 24.43 6.83
CA TYR A 231 0.56 24.74 6.11
C TYR A 231 1.80 24.62 6.99
N SER A 232 2.86 24.09 6.39
CA SER A 232 4.06 23.71 7.12
C SER A 232 3.79 22.44 7.93
N SER A 233 2.86 22.54 8.89
CA SER A 233 2.51 21.41 9.72
C SER A 233 1.86 20.25 8.96
N ARG A 234 0.89 20.59 8.11
CA ARG A 234 0.18 19.59 7.32
C ARG A 234 0.62 19.46 5.86
N SER A 235 1.58 20.27 5.43
CA SER A 235 1.99 20.23 4.03
C SER A 235 3.46 19.84 3.88
N HIS A 236 3.70 18.77 3.13
CA HIS A 236 5.04 18.26 2.94
C HIS A 236 5.95 19.24 2.26
N SER A 237 5.43 19.90 1.22
CA SER A 237 6.21 20.94 0.54
C SER A 237 7.51 20.36 -0.01
N VAL A 238 7.57 20.18 -1.33
CA VAL A 238 8.76 19.60 -1.93
C VAL A 238 9.52 20.58 -2.82
N PHE A 239 10.81 20.72 -2.54
CA PHE A 239 11.70 21.54 -3.35
C PHE A 239 12.73 20.63 -4.00
N SER A 240 12.82 20.69 -5.32
CA SER A 240 13.70 19.80 -6.07
C SER A 240 14.71 20.56 -6.92
N VAL A 241 15.96 20.12 -6.88
CA VAL A 241 17.00 20.72 -7.69
C VAL A 241 17.50 19.72 -8.72
N THR A 242 17.53 20.15 -9.99
CA THR A 242 17.99 19.32 -11.08
C THR A 242 19.24 19.92 -11.71
N ILE A 243 20.26 19.09 -11.91
CA ILE A 243 21.53 19.58 -12.45
C ILE A 243 21.92 18.93 -13.77
N HIS A 244 22.34 19.75 -14.73
CA HIS A 244 22.87 19.28 -15.98
C HIS A 244 24.34 19.58 -16.03
N MET A 245 25.16 18.56 -16.23
CA MET A 245 26.61 18.77 -16.22
C MET A 245 27.34 18.28 -17.49
N LYS A 246 28.21 19.12 -18.02
CA LYS A 246 29.05 18.76 -19.16
C LYS A 246 30.50 19.14 -18.87
N GLU A 247 31.36 18.14 -18.70
CA GLU A 247 32.77 18.37 -18.39
C GLU A 247 33.68 17.91 -19.52
N THR A 248 34.78 18.63 -19.72
CA THR A 248 35.73 18.30 -20.77
C THR A 248 36.90 17.49 -20.24
N THR A 249 37.87 17.21 -21.11
CA THR A 249 39.06 16.47 -20.73
C THR A 249 40.21 16.76 -21.69
N ILE A 250 41.44 16.83 -21.19
CA ILE A 250 42.58 17.00 -22.07
C ILE A 250 42.65 15.77 -22.98
N ASP A 251 42.44 14.59 -22.39
CA ASP A 251 42.15 13.41 -23.19
C ASP A 251 40.81 13.66 -23.86
N GLY A 252 39.91 14.27 -23.11
CA GLY A 252 38.59 14.67 -23.58
C GLY A 252 38.66 15.88 -24.48
N GLU A 253 37.58 16.14 -25.21
CA GLU A 253 36.36 15.35 -25.13
C GLU A 253 35.38 15.94 -24.12
N GLU A 254 34.10 15.66 -24.32
CA GLU A 254 33.06 16.19 -23.44
C GLU A 254 32.18 15.07 -22.86
N LEU A 255 31.90 15.15 -21.57
CA LEU A 255 31.08 14.16 -20.89
C LEU A 255 29.83 14.81 -20.30
N VAL A 256 28.68 14.18 -20.52
CA VAL A 256 27.41 14.74 -20.04
C VAL A 256 26.81 13.91 -18.92
N LYS A 257 26.52 14.58 -17.80
CA LYS A 257 25.91 13.92 -16.65
C LYS A 257 24.74 14.72 -16.09
N ILE A 258 23.73 14.03 -15.57
CA ILE A 258 22.57 14.70 -15.00
C ILE A 258 22.37 14.34 -13.53
N GLY A 259 22.23 15.35 -12.68
CA GLY A 259 22.01 15.13 -11.26
C GLY A 259 20.71 15.73 -10.75
N LYS A 260 19.91 14.90 -10.08
CA LYS A 260 18.66 15.38 -9.49
C LYS A 260 18.63 15.14 -7.98
N LEU A 261 18.39 16.21 -7.23
CA LEU A 261 18.30 16.10 -5.78
C LEU A 261 16.94 16.61 -5.30
N ASN A 262 16.26 15.82 -4.47
CA ASN A 262 14.98 16.24 -3.93
C ASN A 262 15.06 16.47 -2.43
N LEU A 263 14.67 17.66 -1.99
CA LEU A 263 14.56 17.97 -0.56
C LEU A 263 13.13 18.35 -0.19
N VAL A 264 12.59 17.71 0.84
CA VAL A 264 11.17 17.87 1.19
C VAL A 264 10.90 18.01 2.69
N ASP A 265 9.73 18.55 3.01
CA ASP A 265 9.26 18.66 4.39
C ASP A 265 7.91 17.95 4.53
N LEU A 266 7.64 17.40 5.71
CA LEU A 266 6.48 16.53 5.91
C LEU A 266 5.62 16.89 7.12
N ALA A 267 4.40 16.36 7.13
CA ALA A 267 3.47 16.53 8.25
C ALA A 267 3.94 15.76 9.49
N GLY A 268 3.46 16.19 10.66
CA GLY A 268 3.88 15.61 11.93
C GLY A 268 3.57 14.13 12.10
N SER A 269 4.49 13.43 12.74
CA SER A 269 4.46 11.97 12.83
C SER A 269 3.65 11.44 14.01
N GLU A 270 3.02 12.34 14.74
CA GLU A 270 2.24 11.99 15.93
C GLU A 270 1.07 11.08 15.60
N ASN A 271 0.49 11.27 14.42
CA ASN A 271 -0.69 10.51 14.00
C ASN A 271 -0.45 9.01 13.87
N ILE A 272 0.72 8.61 13.40
CA ILE A 272 0.99 7.21 13.12
C ILE A 272 0.93 6.33 14.37
N GLY A 273 0.26 5.19 14.24
CA GLY A 273 0.13 4.24 15.33
C GLY A 273 1.44 3.53 15.65
N ARG A 274 1.60 3.18 16.92
CA ARG A 274 2.59 2.21 17.33
C ARG A 274 2.06 0.88 16.80
N SER A 275 2.94 -0.08 16.56
CA SER A 275 2.48 -1.37 16.07
C SER A 275 1.53 -2.00 17.08
N GLY A 276 0.40 -2.51 16.61
CA GLY A 276 -0.56 -3.11 17.52
C GLY A 276 -0.96 -2.09 18.57
N ALA A 277 -1.00 -0.84 18.14
CA ALA A 277 -1.33 0.27 19.04
C ALA A 277 -2.81 0.21 19.36
N VAL A 278 -3.24 1.03 20.31
CA VAL A 278 -4.67 1.16 20.51
C VAL A 278 -5.15 1.65 19.15
N ASP A 279 -4.42 2.60 18.58
CA ASP A 279 -4.66 3.03 17.21
C ASP A 279 -3.38 2.95 16.40
N LYS A 280 -3.42 2.17 15.32
CA LYS A 280 -2.31 2.16 14.37
C LYS A 280 -2.86 2.58 13.01
N ARG A 281 -3.61 1.70 12.37
CA ARG A 281 -4.25 2.05 11.11
C ARG A 281 -5.26 3.17 11.35
N ALA A 282 -6.10 3.00 12.37
CA ALA A 282 -7.10 4.01 12.66
C ALA A 282 -6.48 5.34 13.03
N ARG A 283 -5.47 5.31 13.89
CA ARG A 283 -4.76 6.53 14.26
C ARG A 283 -4.06 7.12 13.04
N GLU A 284 -3.45 6.27 12.23
CA GLU A 284 -2.79 6.71 11.00
C GLU A 284 -3.75 6.79 9.81
N ALA A 285 -4.94 6.23 9.98
CA ALA A 285 -5.90 6.11 8.88
C ALA A 285 -6.46 7.44 8.39
N GLY A 286 -6.58 7.58 7.07
CA GLY A 286 -7.31 8.69 6.47
C GLY A 286 -6.76 9.15 5.13
N ASN A 287 -7.49 10.03 4.47
CA ASN A 287 -7.06 10.61 3.21
C ASN A 287 -5.81 11.48 3.36
N ILE A 288 -5.79 12.30 4.42
CA ILE A 288 -4.61 13.08 4.79
C ILE A 288 -3.50 12.12 5.19
N ASN A 289 -3.90 11.02 5.83
CA ASN A 289 -2.99 10.00 6.35
C ASN A 289 -2.16 9.30 5.27
N GLN A 290 -2.70 9.27 4.06
CA GLN A 290 -2.18 8.43 2.98
C GLN A 290 -0.75 8.71 2.56
N SER A 291 -0.37 9.98 2.49
CA SER A 291 0.97 10.30 2.02
C SER A 291 2.01 9.67 2.95
N LEU A 292 1.84 9.82 4.25
CA LEU A 292 2.73 9.16 5.18
C LEU A 292 2.63 7.64 5.05
N LEU A 293 1.40 7.13 5.05
CA LEU A 293 1.16 5.69 4.95
C LEU A 293 1.65 5.14 3.62
N THR A 294 1.41 5.88 2.54
CA THR A 294 1.85 5.44 1.23
C THR A 294 3.37 5.33 1.23
N LEU A 295 4.03 6.30 1.86
CA LEU A 295 5.49 6.33 1.92
C LEU A 295 6.07 5.12 2.63
N GLY A 296 5.48 4.74 3.76
CA GLY A 296 6.00 3.63 4.53
C GLY A 296 5.95 2.34 3.75
N ARG A 297 4.80 2.06 3.13
CA ARG A 297 4.69 0.87 2.30
C ARG A 297 5.63 0.98 1.11
N VAL A 298 5.63 2.12 0.44
CA VAL A 298 6.53 2.31 -0.69
C VAL A 298 7.98 2.27 -0.22
N ILE A 299 8.30 3.04 0.81
CA ILE A 299 9.63 3.01 1.39
C ILE A 299 9.94 1.67 2.04
N THR A 300 8.98 1.16 2.81
CA THR A 300 9.15 -0.13 3.49
C THR A 300 9.32 -1.26 2.48
N ALA A 301 8.54 -1.21 1.41
CA ALA A 301 8.58 -2.23 0.38
C ALA A 301 9.94 -2.28 -0.30
N LEU A 302 10.51 -1.11 -0.54
CA LEU A 302 11.81 -1.02 -1.21
C LEU A 302 12.92 -1.70 -0.41
N VAL A 303 12.88 -1.52 0.90
CA VAL A 303 13.86 -2.14 1.79
C VAL A 303 13.77 -3.66 1.73
N GLU A 304 12.54 -4.15 1.73
CA GLU A 304 12.21 -5.56 1.61
C GLU A 304 12.62 -6.17 0.27
N ARG A 305 12.44 -5.39 -0.81
CA ARG A 305 12.55 -5.91 -2.18
C ARG A 305 11.26 -6.51 -2.79
N THR A 306 10.11 -6.19 -2.19
CA THR A 306 8.84 -6.77 -2.60
C THR A 306 8.50 -6.41 -4.04
N PRO A 307 7.89 -7.36 -4.75
CA PRO A 307 7.60 -7.22 -6.18
C PRO A 307 6.66 -6.06 -6.51
N HIS A 308 5.64 -5.84 -5.67
CA HIS A 308 4.71 -4.76 -5.90
C HIS A 308 4.89 -3.66 -4.90
N VAL A 309 5.13 -2.45 -5.35
CA VAL A 309 5.21 -1.30 -4.46
C VAL A 309 4.10 -0.32 -4.78
N PRO A 310 3.31 0.05 -3.77
CA PRO A 310 2.21 0.98 -3.98
C PRO A 310 2.66 2.43 -3.93
N TYR A 311 3.58 2.79 -4.83
CA TYR A 311 3.95 4.18 -5.07
C TYR A 311 2.77 4.96 -5.64
N ARG A 312 1.92 4.26 -6.39
CA ARG A 312 0.81 4.86 -7.12
C ARG A 312 -0.23 5.57 -6.24
N GLU A 313 -0.46 5.03 -5.04
CA GLU A 313 -1.54 5.48 -4.17
C GLU A 313 -1.41 6.95 -3.75
N SER A 314 -0.18 7.38 -3.50
CA SER A 314 0.08 8.74 -3.07
C SER A 314 0.70 9.56 -4.20
N LYS A 315 0.20 10.77 -4.40
CA LYS A 315 0.66 11.62 -5.49
C LYS A 315 2.14 11.96 -5.34
N LEU A 316 2.55 12.24 -4.11
CA LEU A 316 3.95 12.54 -3.84
C LEU A 316 4.84 11.34 -4.16
N THR A 317 4.36 10.15 -3.82
CA THR A 317 5.10 8.93 -4.06
C THR A 317 5.29 8.66 -5.56
N ARG A 318 4.24 8.92 -6.34
CA ARG A 318 4.30 8.69 -7.77
C ARG A 318 5.34 9.56 -8.48
N ILE A 319 5.40 10.83 -8.09
CA ILE A 319 6.38 11.76 -8.64
C ILE A 319 7.81 11.33 -8.32
N LEU A 320 8.00 10.86 -7.09
CA LEU A 320 9.31 10.48 -6.57
C LEU A 320 9.86 9.18 -7.16
N GLN A 321 9.03 8.47 -7.92
CA GLN A 321 9.35 7.13 -8.36
C GLN A 321 10.63 7.08 -9.19
N ASP A 322 10.80 8.04 -10.09
CA ASP A 322 11.95 8.00 -10.99
C ASP A 322 13.27 8.09 -10.23
N SER A 323 13.36 9.02 -9.28
CA SER A 323 14.57 9.12 -8.49
C SER A 323 14.78 7.86 -7.68
N LEU A 324 13.72 7.39 -7.02
CA LEU A 324 13.80 6.13 -6.29
C LEU A 324 14.06 4.97 -7.26
N GLY A 325 13.28 4.95 -8.34
CA GLY A 325 13.32 3.87 -9.32
C GLY A 325 14.63 3.73 -10.07
N GLY A 326 15.18 4.87 -10.49
CA GLY A 326 16.48 4.88 -11.15
C GLY A 326 17.49 4.54 -10.09
N ARG A 327 18.71 4.15 -10.45
CA ARG A 327 19.66 3.84 -9.38
C ARG A 327 19.77 5.10 -8.52
N THR A 328 19.58 4.94 -7.21
CA THR A 328 19.54 6.10 -6.32
C THR A 328 19.88 5.77 -4.87
N ARG A 329 20.19 6.81 -4.09
CA ARG A 329 20.43 6.68 -2.66
C ARG A 329 19.41 7.51 -1.88
N THR A 330 18.78 6.89 -0.90
CA THR A 330 17.75 7.56 -0.12
C THR A 330 18.05 7.55 1.36
N SER A 331 17.91 8.70 2.01
CA SER A 331 18.08 8.81 3.45
C SER A 331 16.76 9.22 4.08
N ILE A 332 16.36 8.51 5.13
CA ILE A 332 15.09 8.78 5.78
C ILE A 332 15.31 9.38 7.17
N ILE A 333 14.65 10.50 7.45
CA ILE A 333 14.88 11.25 8.67
C ILE A 333 13.64 11.38 9.56
N ALA A 334 13.84 11.13 10.86
CA ALA A 334 12.78 11.30 11.85
C ALA A 334 13.20 12.30 12.94
N THR A 335 12.30 13.23 13.26
CA THR A 335 12.60 14.27 14.24
C THR A 335 11.68 14.20 15.47
N ILE A 336 12.26 14.31 16.66
CA ILE A 336 11.50 14.12 17.89
C ILE A 336 11.70 15.22 18.92
N SER A 337 10.73 15.37 19.82
CA SER A 337 10.82 16.32 20.94
C SER A 337 10.71 15.60 22.29
N PRO A 338 11.71 15.84 23.13
CA PRO A 338 11.87 15.18 24.42
C PRO A 338 10.75 15.49 25.39
N ALA A 339 10.21 16.70 25.30
CA ALA A 339 9.30 17.22 26.31
C ALA A 339 8.03 16.39 26.46
N SER A 340 7.52 16.38 27.68
CA SER A 340 6.33 15.62 28.08
C SER A 340 5.05 16.04 27.36
N LEU A 341 4.98 17.30 26.97
CA LEU A 341 3.74 17.91 26.51
C LEU A 341 3.13 17.21 25.30
N ASN A 342 3.96 16.76 24.35
CA ASN A 342 3.45 15.93 23.27
C ASN A 342 3.90 14.49 23.41
N LEU A 343 2.98 13.63 23.85
CA LEU A 343 3.17 12.18 23.84
C LEU A 343 3.14 11.57 22.45
N GLU A 344 2.14 11.96 21.66
CA GLU A 344 1.87 11.32 20.37
C GLU A 344 2.97 11.48 19.31
N GLU A 345 3.56 12.65 19.21
CA GLU A 345 4.53 12.88 18.13
C GLU A 345 5.75 11.97 18.21
N THR A 346 6.31 11.78 19.39
CA THR A 346 7.49 10.95 19.51
C THR A 346 7.23 9.49 19.12
N LEU A 347 6.13 8.94 19.60
CA LEU A 347 5.80 7.54 19.31
C LEU A 347 5.56 7.31 17.82
N SER A 348 4.83 8.22 17.18
CA SER A 348 4.55 8.08 15.76
C SER A 348 5.84 8.13 14.95
N THR A 349 6.75 9.02 15.31
CA THR A 349 8.03 9.06 14.61
C THR A 349 8.77 7.75 14.83
N LEU A 350 8.80 7.26 16.07
CA LEU A 350 9.54 6.04 16.39
C LEU A 350 8.96 4.82 15.66
N GLU A 351 7.64 4.69 15.66
CA GLU A 351 7.01 3.59 14.96
C GLU A 351 7.29 3.69 13.47
N TYR A 352 7.18 4.91 12.94
CA TYR A 352 7.42 5.11 11.52
C TYR A 352 8.87 4.78 11.17
N ALA A 353 9.81 5.28 11.98
CA ALA A 353 11.22 4.98 11.72
C ALA A 353 11.51 3.50 11.88
N HIS A 354 11.02 2.89 12.96
CA HIS A 354 11.25 1.47 13.17
C HIS A 354 10.61 0.65 12.09
N ARG A 355 9.36 0.96 11.78
CA ARG A 355 8.62 0.24 10.76
C ARG A 355 9.27 0.42 9.40
N ALA A 356 9.61 1.67 9.07
CA ALA A 356 10.20 2.00 7.78
C ALA A 356 11.56 1.35 7.60
N LYS A 357 12.36 1.38 8.66
CA LYS A 357 13.66 0.74 8.65
C LYS A 357 13.70 -0.32 9.74
N ASN A 358 14.15 -1.53 9.39
CA ASN A 358 14.24 -2.58 10.38
C ASN A 358 15.67 -2.89 10.77
N ILE A 359 16.00 -2.65 12.04
CA ILE A 359 17.33 -2.91 12.55
C ILE A 359 17.27 -3.66 13.87
N LEU A 360 18.21 -4.58 14.08
CA LEU A 360 18.29 -5.28 15.35
C LEU A 360 18.64 -4.27 16.42
N ASN A 361 18.04 -4.41 17.60
CA ASN A 361 18.32 -3.47 18.66
C ASN A 361 19.51 -3.93 19.47
N LYS A 362 20.55 -3.11 19.54
CA LYS A 362 21.72 -3.43 20.35
C LYS A 362 21.29 -3.56 21.81
N PRO A 363 21.87 -4.53 22.51
CA PRO A 363 21.53 -4.78 23.91
C PRO A 363 22.68 -4.43 24.86
N GLU A 364 22.46 -3.45 25.73
CA GLU A 364 23.46 -3.03 26.69
C GLU A 364 23.01 -3.31 28.12
N GLY B 16 6.29 -18.78 -11.84
CA GLY B 16 5.69 -17.48 -11.63
C GLY B 16 4.59 -17.51 -10.57
N LYS B 17 4.71 -16.59 -9.63
CA LYS B 17 3.79 -16.43 -8.51
C LYS B 17 2.42 -16.10 -9.04
N ASN B 18 2.37 -15.34 -10.13
CA ASN B 18 1.10 -14.96 -10.73
C ASN B 18 0.00 -15.40 -9.79
N ILE B 19 -0.42 -16.65 -9.90
CA ILE B 19 -1.37 -17.20 -8.96
C ILE B 19 -0.72 -17.22 -7.59
N GLN B 20 -1.47 -16.82 -6.57
CA GLN B 20 -0.95 -16.78 -5.20
C GLN B 20 -1.94 -17.41 -4.21
N VAL B 21 -1.40 -17.98 -3.13
CA VAL B 21 -2.24 -18.64 -2.12
C VAL B 21 -2.08 -18.01 -0.73
N VAL B 22 -3.21 -17.74 -0.08
CA VAL B 22 -3.21 -17.17 1.27
C VAL B 22 -4.16 -17.93 2.20
N VAL B 23 -3.77 -18.01 3.46
CA VAL B 23 -4.61 -18.67 4.44
C VAL B 23 -4.85 -17.73 5.61
N ARG B 24 -6.11 -17.47 5.91
CA ARG B 24 -6.43 -16.67 7.08
C ARG B 24 -7.22 -17.52 8.06
N CYS B 25 -6.78 -17.56 9.31
CA CYS B 25 -7.49 -18.32 10.32
C CYS B 25 -8.51 -17.41 11.00
N ARG B 26 -9.78 -17.77 10.85
CA ARG B 26 -10.86 -17.03 11.48
C ARG B 26 -10.82 -17.18 13.00
N PRO B 27 -11.27 -16.15 13.70
CA PRO B 27 -11.34 -16.17 15.16
C PRO B 27 -12.42 -17.14 15.67
N PHE B 28 -12.21 -17.65 16.88
CA PHE B 28 -13.12 -18.62 17.49
C PHE B 28 -14.48 -18.01 17.75
N ASN B 29 -15.51 -18.85 17.70
CA ASN B 29 -16.89 -18.41 17.89
C ASN B 29 -17.53 -18.99 19.14
N LEU B 30 -18.46 -18.25 19.73
CA LEU B 30 -19.09 -18.62 20.99
C LEU B 30 -19.85 -19.94 20.89
N ALA B 31 -20.56 -20.14 19.79
CA ALA B 31 -21.33 -21.37 19.63
C ALA B 31 -20.36 -22.56 19.64
N GLU B 32 -19.26 -22.42 18.92
CA GLU B 32 -18.17 -23.39 19.00
C GLU B 32 -17.57 -23.40 20.41
N ARG B 33 -17.37 -22.20 20.94
CA ARG B 33 -16.76 -21.99 22.25
C ARG B 33 -17.60 -22.57 23.39
N LYS B 34 -18.91 -22.53 23.26
CA LYS B 34 -19.77 -22.93 24.35
C LYS B 34 -19.50 -24.37 24.77
N ALA B 35 -19.35 -25.25 23.79
CA ALA B 35 -19.02 -26.65 24.05
C ALA B 35 -17.52 -26.96 24.11
N SER B 36 -16.84 -26.45 25.14
CA SER B 36 -15.42 -26.68 25.30
C SER B 36 -14.73 -26.88 23.95
N ALA B 37 -14.63 -25.80 23.18
CA ALA B 37 -14.00 -25.85 21.87
C ALA B 37 -12.57 -25.36 21.92
N HIS B 38 -11.64 -26.20 21.44
CA HIS B 38 -10.24 -25.84 21.42
C HIS B 38 -9.74 -25.61 20.02
N SER B 39 -8.70 -24.81 19.90
CA SER B 39 -8.13 -24.50 18.58
C SER B 39 -6.89 -25.35 18.29
N ILE B 40 -6.98 -26.13 17.22
CA ILE B 40 -5.94 -27.07 16.85
C ILE B 40 -5.00 -26.53 15.78
N VAL B 41 -5.25 -25.30 15.36
CA VAL B 41 -4.46 -24.69 14.30
C VAL B 41 -3.59 -23.56 14.85
N GLU B 42 -2.30 -23.63 14.56
CA GLU B 42 -1.38 -22.57 14.95
C GLU B 42 -0.95 -21.83 13.71
N CYS B 43 -1.10 -20.50 13.70
CA CYS B 43 -0.68 -19.73 12.54
C CYS B 43 0.50 -18.81 12.86
N ASP B 44 1.61 -18.99 12.16
CA ASP B 44 2.81 -18.17 12.38
C ASP B 44 3.31 -17.44 11.14
N PRO B 45 3.38 -16.11 11.25
CA PRO B 45 3.82 -15.25 10.14
C PRO B 45 5.28 -15.40 9.69
N VAL B 46 6.21 -15.53 10.64
CA VAL B 46 7.63 -15.40 10.32
C VAL B 46 8.09 -16.47 9.34
N ARG B 47 7.68 -17.71 9.58
CA ARG B 47 7.95 -18.78 8.64
C ARG B 47 6.82 -18.85 7.62
N LYS B 48 5.78 -18.07 7.88
CA LYS B 48 4.57 -18.10 7.06
C LYS B 48 3.99 -19.51 7.05
N GLU B 49 4.11 -20.18 8.19
CA GLU B 49 3.72 -21.59 8.31
C GLU B 49 2.68 -21.84 9.39
N VAL B 50 1.70 -22.68 9.09
CA VAL B 50 0.68 -23.06 10.06
C VAL B 50 0.69 -24.57 10.34
N SER B 51 0.75 -24.91 11.62
CA SER B 51 0.66 -26.28 12.05
C SER B 51 -0.54 -26.40 12.98
N VAL B 52 -1.41 -27.35 12.70
CA VAL B 52 -2.56 -27.62 13.55
C VAL B 52 -2.45 -29.00 14.20
N ARG B 53 -2.65 -29.05 15.51
CA ARG B 53 -2.56 -30.31 16.25
C ARG B 53 -3.13 -31.47 15.43
N THR B 54 -3.96 -32.29 16.06
CA THR B 54 -4.55 -33.45 15.40
C THR B 54 -4.59 -34.66 16.31
N ASP B 59 1.49 -42.67 19.80
CA ASP B 59 1.72 -41.57 18.88
C ASP B 59 3.12 -40.99 19.02
N LYS B 60 3.22 -39.84 19.65
CA LYS B 60 4.49 -39.25 20.04
C LYS B 60 5.10 -38.49 18.87
N SER B 61 4.48 -38.68 17.71
CA SER B 61 4.71 -37.85 16.53
C SER B 61 3.37 -37.28 16.11
N SER B 62 3.29 -35.96 15.94
CA SER B 62 2.02 -35.31 15.61
C SER B 62 2.18 -33.97 14.89
N ARG B 63 1.07 -33.47 14.36
CA ARG B 63 1.02 -32.21 13.65
C ARG B 63 1.22 -32.38 12.15
N LYS B 64 1.00 -31.30 11.40
CA LYS B 64 1.12 -31.30 9.95
C LYS B 64 1.91 -30.09 9.46
N THR B 65 2.50 -30.20 8.27
CA THR B 65 3.27 -29.11 7.71
C THR B 65 2.63 -28.54 6.44
N TYR B 66 2.44 -27.22 6.43
CA TYR B 66 1.93 -26.52 5.24
C TYR B 66 2.68 -25.19 4.99
N THR B 67 2.85 -24.85 3.73
CA THR B 67 3.60 -23.65 3.35
C THR B 67 2.81 -22.76 2.41
N PHE B 68 2.78 -21.46 2.74
CA PHE B 68 2.11 -20.47 1.91
C PHE B 68 2.91 -19.18 1.89
N ASP B 69 2.71 -18.37 0.85
CA ASP B 69 3.39 -17.08 0.76
C ASP B 69 2.95 -16.17 1.90
N MET B 70 1.66 -16.18 2.20
CA MET B 70 1.11 -15.36 3.27
C MET B 70 0.28 -16.18 4.28
N VAL B 71 0.50 -15.93 5.57
CA VAL B 71 -0.35 -16.53 6.59
C VAL B 71 -0.96 -15.43 7.46
N PHE B 72 -2.29 -15.46 7.58
CA PHE B 72 -2.99 -14.48 8.40
C PHE B 72 -3.62 -15.15 9.61
N GLY B 73 -3.43 -14.57 10.79
CA GLY B 73 -3.94 -15.13 12.02
C GLY B 73 -4.60 -14.12 12.94
N ALA B 74 -5.88 -14.33 13.23
CA ALA B 74 -6.62 -13.47 14.14
C ALA B 74 -6.19 -12.00 14.11
N SER B 75 -4.91 -11.76 13.88
CA SER B 75 -4.37 -10.40 13.82
C SER B 75 -4.96 -9.58 12.67
N THR B 76 -5.17 -10.22 11.52
CA THR B 76 -5.65 -9.53 10.33
C THR B 76 -7.14 -9.24 10.36
N LYS B 77 -7.53 -8.12 9.74
CA LYS B 77 -8.93 -7.74 9.63
C LYS B 77 -9.39 -7.87 8.18
N GLN B 78 -9.79 -6.75 7.58
CA GLN B 78 -10.17 -6.76 6.17
C GLN B 78 -9.35 -5.75 5.36
N ILE B 79 -9.15 -4.57 5.93
CA ILE B 79 -8.31 -3.57 5.27
C ILE B 79 -6.86 -4.07 5.13
N ASP B 80 -6.35 -4.69 6.20
CA ASP B 80 -4.97 -5.16 6.22
C ASP B 80 -4.69 -6.25 5.19
N VAL B 81 -5.65 -7.15 5.02
CA VAL B 81 -5.51 -8.26 4.07
C VAL B 81 -5.38 -7.77 2.64
N TYR B 82 -6.10 -6.70 2.32
CA TYR B 82 -6.23 -6.22 0.95
C TYR B 82 -4.90 -5.78 0.30
N ARG B 83 -4.05 -5.08 1.04
CA ARG B 83 -2.88 -4.54 0.37
C ARG B 83 -1.98 -5.62 -0.23
N SER B 84 -1.57 -6.60 0.58
CA SER B 84 -0.79 -7.69 0.03
C SER B 84 -1.58 -8.54 -0.96
N VAL B 85 -2.76 -8.98 -0.53
CA VAL B 85 -3.64 -9.77 -1.39
C VAL B 85 -4.22 -9.04 -2.61
N VAL B 86 -4.76 -7.86 -2.38
CA VAL B 86 -5.49 -7.13 -3.44
C VAL B 86 -4.71 -6.04 -4.16
N CYS B 87 -3.80 -5.37 -3.48
CA CYS B 87 -3.16 -4.19 -4.05
C CYS B 87 -2.37 -4.55 -5.31
N PRO B 88 -1.56 -5.59 -5.24
CA PRO B 88 -0.82 -6.04 -6.42
C PRO B 88 -1.76 -6.55 -7.52
N ILE B 89 -2.70 -7.40 -7.14
CA ILE B 89 -3.66 -7.97 -8.08
C ILE B 89 -4.58 -6.91 -8.68
N LEU B 90 -5.01 -5.97 -7.83
CA LEU B 90 -5.91 -4.91 -8.26
C LEU B 90 -5.29 -4.00 -9.32
N ASP B 91 -4.01 -3.71 -9.15
CA ASP B 91 -3.30 -2.77 -10.01
C ASP B 91 -3.24 -3.23 -11.46
N GLU B 92 -3.06 -4.53 -11.65
CA GLU B 92 -3.04 -5.11 -13.00
C GLU B 92 -4.39 -4.90 -13.66
N VAL B 93 -5.45 -5.07 -12.87
CA VAL B 93 -6.82 -4.87 -13.33
C VAL B 93 -7.08 -3.41 -13.74
N ILE B 94 -6.49 -2.49 -12.98
CA ILE B 94 -6.56 -1.07 -13.31
C ILE B 94 -5.86 -0.85 -14.65
N MET B 95 -4.86 -1.68 -14.90
CA MET B 95 -4.22 -1.75 -16.20
C MET B 95 -5.28 -2.27 -17.17
N GLY B 96 -6.34 -2.84 -16.61
CA GLY B 96 -7.43 -3.40 -17.39
C GLY B 96 -7.20 -4.85 -17.75
N TYR B 97 -6.07 -5.40 -17.32
CA TYR B 97 -5.81 -6.82 -17.47
C TYR B 97 -6.75 -7.63 -16.58
N ASN B 98 -7.12 -8.81 -17.04
CA ASN B 98 -8.06 -9.67 -16.32
C ASN B 98 -7.41 -10.42 -15.17
N CYS B 99 -7.95 -10.25 -13.97
CA CYS B 99 -7.40 -10.90 -12.79
C CYS B 99 -8.47 -11.71 -12.04
N THR B 100 -8.04 -12.78 -11.40
CA THR B 100 -8.96 -13.65 -10.68
C THR B 100 -8.59 -13.82 -9.21
N ILE B 101 -9.59 -13.79 -8.34
CA ILE B 101 -9.39 -13.99 -6.91
C ILE B 101 -10.18 -15.19 -6.41
N PHE B 102 -9.53 -16.08 -5.68
CA PHE B 102 -10.24 -17.27 -5.17
C PHE B 102 -10.28 -17.39 -3.65
N ALA B 103 -11.49 -17.55 -3.11
CA ALA B 103 -11.71 -17.80 -1.68
C ALA B 103 -12.68 -18.96 -1.45
N TYR B 104 -12.36 -19.87 -0.53
CA TYR B 104 -13.28 -20.93 -0.16
C TYR B 104 -13.19 -21.26 1.33
N GLY B 105 -14.32 -21.58 1.96
CA GLY B 105 -14.31 -21.97 3.34
C GLY B 105 -15.39 -22.96 3.72
N GLN B 106 -15.11 -23.74 4.75
CA GLN B 106 -16.12 -24.56 5.39
C GLN B 106 -16.97 -23.55 6.12
N THR B 107 -18.19 -23.91 6.51
CA THR B 107 -19.07 -22.90 7.07
C THR B 107 -18.37 -22.25 8.26
N GLY B 108 -18.41 -20.93 8.31
CA GLY B 108 -17.67 -20.18 9.31
C GLY B 108 -16.25 -19.99 8.84
N THR B 109 -16.02 -20.39 7.59
CA THR B 109 -14.73 -20.24 6.94
C THR B 109 -14.36 -18.77 6.84
N GLY B 110 -15.37 -17.91 6.72
CA GLY B 110 -15.16 -16.48 6.62
C GLY B 110 -14.92 -15.96 5.21
N LYS B 111 -15.17 -16.82 4.22
CA LYS B 111 -15.02 -16.44 2.82
C LYS B 111 -15.91 -15.25 2.47
N THR B 112 -17.16 -15.30 2.91
CA THR B 112 -18.10 -14.23 2.64
C THR B 112 -17.67 -12.94 3.32
N PHE B 113 -17.25 -13.05 4.58
CA PHE B 113 -16.86 -11.85 5.31
C PHE B 113 -15.66 -11.17 4.66
N THR B 114 -14.64 -11.93 4.28
CA THR B 114 -13.52 -11.31 3.59
C THR B 114 -14.00 -10.74 2.27
N MET B 115 -14.72 -11.56 1.50
CA MET B 115 -15.33 -11.08 0.26
C MET B 115 -16.42 -10.04 0.51
N GLU B 116 -17.38 -10.40 1.35
CA GLU B 116 -18.53 -9.55 1.70
C GLU B 116 -18.27 -8.30 2.55
N GLY B 117 -17.39 -8.44 3.54
CA GLY B 117 -17.13 -7.39 4.50
C GLY B 117 -17.98 -7.59 5.74
N GLU B 118 -17.59 -6.96 6.85
CA GLU B 118 -18.35 -7.04 8.09
C GLU B 118 -18.83 -5.66 8.55
N ARG B 119 -20.12 -5.57 8.89
CA ARG B 119 -20.76 -4.32 9.28
C ARG B 119 -20.27 -3.74 10.62
N SER B 120 -20.14 -2.42 10.65
CA SER B 120 -19.76 -1.70 11.87
C SER B 120 -20.89 -1.69 12.91
N PRO B 121 -20.51 -1.71 14.18
CA PRO B 121 -21.50 -1.68 15.25
C PRO B 121 -22.26 -0.35 15.26
N ASN B 122 -23.58 -0.43 15.37
CA ASN B 122 -24.43 0.76 15.40
C ASN B 122 -24.25 1.67 14.19
N GLU B 123 -24.15 2.97 14.44
CA GLU B 123 -24.02 3.97 13.37
C GLU B 123 -22.62 4.54 13.22
N GLU B 124 -21.65 3.93 13.87
CA GLU B 124 -20.30 4.46 13.95
C GLU B 124 -19.56 4.59 12.61
N TYR B 125 -19.68 3.56 11.76
CA TYR B 125 -18.88 3.51 10.56
C TYR B 125 -19.70 3.50 9.27
N THR B 126 -19.31 4.38 8.35
CA THR B 126 -19.86 4.42 7.02
C THR B 126 -19.35 3.22 6.23
N TRP B 127 -20.09 2.81 5.20
CA TRP B 127 -19.72 1.65 4.42
C TRP B 127 -18.40 1.79 3.72
N GLU B 128 -18.16 2.98 3.16
CA GLU B 128 -16.92 3.25 2.43
C GLU B 128 -15.69 3.19 3.34
N GLU B 129 -15.81 3.73 4.54
CA GLU B 129 -14.70 3.78 5.48
C GLU B 129 -14.65 2.60 6.45
N ASP B 130 -15.61 1.69 6.36
CA ASP B 130 -15.65 0.60 7.33
C ASP B 130 -14.42 -0.30 7.22
N PRO B 131 -13.79 -0.56 8.35
CA PRO B 131 -12.67 -1.52 8.45
C PRO B 131 -13.14 -2.94 8.10
N LEU B 132 -14.37 -3.24 8.49
CA LEU B 132 -14.96 -4.57 8.33
C LEU B 132 -15.14 -5.08 6.89
N ALA B 133 -15.35 -4.15 5.97
CA ALA B 133 -15.87 -4.46 4.65
C ALA B 133 -14.97 -5.41 3.87
N GLY B 134 -15.62 -6.22 3.04
CA GLY B 134 -14.95 -7.20 2.22
C GLY B 134 -14.22 -6.56 1.06
N ILE B 135 -13.50 -7.36 0.29
CA ILE B 135 -12.63 -6.83 -0.76
C ILE B 135 -13.41 -6.03 -1.78
N ILE B 136 -14.62 -6.49 -2.11
CA ILE B 136 -15.41 -5.79 -3.11
C ILE B 136 -15.75 -4.38 -2.66
N PRO B 137 -16.16 -4.22 -1.41
CA PRO B 137 -16.41 -2.87 -0.91
C PRO B 137 -15.12 -2.07 -0.93
N ARG B 138 -14.04 -2.66 -0.46
CA ARG B 138 -12.75 -1.99 -0.50
C ARG B 138 -12.32 -1.75 -1.95
N THR B 139 -12.48 -2.76 -2.80
CA THR B 139 -12.09 -2.62 -4.19
C THR B 139 -12.96 -1.55 -4.85
N LEU B 140 -14.26 -1.60 -4.61
CA LEU B 140 -15.12 -0.56 -5.14
C LEU B 140 -14.74 0.78 -4.53
N HIS B 141 -14.59 0.80 -3.20
CA HIS B 141 -14.27 2.03 -2.50
C HIS B 141 -12.94 2.58 -2.92
N GLN B 142 -11.94 1.71 -3.07
CA GLN B 142 -10.65 2.20 -3.51
C GLN B 142 -10.76 2.80 -4.91
N ILE B 143 -11.45 2.12 -5.81
CA ILE B 143 -11.57 2.59 -7.18
C ILE B 143 -12.30 3.91 -7.32
N PHE B 144 -13.43 4.06 -6.63
CA PHE B 144 -14.15 5.32 -6.75
C PHE B 144 -13.28 6.46 -6.24
N GLU B 145 -12.66 6.26 -5.09
CA GLU B 145 -11.75 7.27 -4.56
C GLU B 145 -10.53 7.45 -5.44
N LYS B 146 -9.90 6.34 -5.83
CA LYS B 146 -8.73 6.42 -6.69
C LYS B 146 -9.08 7.02 -8.04
N LEU B 147 -10.16 6.52 -8.64
CA LEU B 147 -10.65 7.09 -9.88
C LEU B 147 -11.14 8.53 -9.68
N THR B 148 -11.91 8.73 -8.62
CA THR B 148 -12.41 10.06 -8.29
C THR B 148 -11.24 10.98 -7.93
N ASP B 149 -10.29 10.45 -7.17
CA ASP B 149 -9.07 11.19 -6.87
C ASP B 149 -8.27 11.44 -8.14
N ASN B 150 -8.19 10.43 -9.01
CA ASN B 150 -7.51 10.56 -10.29
C ASN B 150 -8.18 11.56 -11.24
N GLY B 151 -9.50 11.53 -11.25
CA GLY B 151 -10.28 12.48 -12.03
C GLY B 151 -10.43 12.04 -13.47
N THR B 152 -9.81 10.92 -13.82
CA THR B 152 -10.02 10.29 -15.12
C THR B 152 -11.42 9.69 -15.15
N GLU B 153 -12.08 9.77 -16.30
CA GLU B 153 -13.43 9.23 -16.43
C GLU B 153 -13.42 7.71 -16.31
N PHE B 154 -14.34 7.18 -15.52
CA PHE B 154 -14.42 5.74 -15.33
C PHE B 154 -15.84 5.21 -15.44
N SER B 155 -15.99 4.05 -16.07
CA SER B 155 -17.26 3.35 -16.10
C SER B 155 -17.07 1.99 -15.45
N VAL B 156 -17.92 1.67 -14.47
CA VAL B 156 -17.80 0.42 -13.72
C VAL B 156 -19.04 -0.47 -13.86
N LYS B 157 -18.83 -1.72 -14.22
CA LYS B 157 -19.94 -2.67 -14.38
C LYS B 157 -19.76 -3.85 -13.43
N VAL B 158 -20.82 -4.17 -12.69
CA VAL B 158 -20.77 -5.28 -11.75
C VAL B 158 -21.73 -6.40 -12.15
N SER B 159 -21.21 -7.62 -12.22
CA SER B 159 -22.03 -8.79 -12.55
C SER B 159 -22.00 -9.79 -11.41
N LEU B 160 -23.18 -10.26 -11.00
CA LEU B 160 -23.27 -11.25 -9.93
C LEU B 160 -23.90 -12.56 -10.40
N LEU B 161 -23.25 -13.68 -10.10
CA LEU B 161 -23.73 -15.00 -10.51
C LEU B 161 -23.81 -15.99 -9.34
N GLU B 162 -24.88 -16.79 -9.31
CA GLU B 162 -25.05 -17.79 -8.27
C GLU B 162 -25.19 -19.19 -8.86
N ILE B 163 -24.45 -20.17 -8.33
CA ILE B 163 -24.52 -21.52 -8.85
C ILE B 163 -25.03 -22.54 -7.83
N TYR B 164 -26.12 -23.22 -8.18
CA TYR B 164 -26.67 -24.28 -7.33
C TYR B 164 -26.87 -25.57 -8.12
N ASN B 165 -26.38 -26.67 -7.58
CA ASN B 165 -26.65 -27.98 -8.16
C ASN B 165 -26.26 -28.06 -9.64
N GLU B 166 -25.10 -27.50 -9.97
CA GLU B 166 -24.68 -27.39 -11.37
C GLU B 166 -25.36 -26.20 -12.06
N GLU B 167 -26.68 -26.09 -11.90
CA GLU B 167 -27.43 -24.99 -12.48
C GLU B 167 -27.09 -23.64 -11.84
N LEU B 168 -27.16 -22.57 -12.62
CA LEU B 168 -26.77 -21.23 -12.15
C LEU B 168 -27.91 -20.22 -12.20
N PHE B 169 -28.03 -19.43 -11.14
CA PHE B 169 -29.04 -18.37 -11.05
C PHE B 169 -28.37 -17.00 -10.94
N ASP B 170 -28.86 -16.05 -11.72
CA ASP B 170 -28.41 -14.67 -11.60
C ASP B 170 -29.64 -13.81 -11.35
N LEU B 171 -29.58 -12.97 -10.32
CA LEU B 171 -30.72 -12.15 -9.95
C LEU B 171 -30.47 -10.67 -10.19
N LEU B 172 -31.55 -9.89 -10.22
CA LEU B 172 -31.47 -8.45 -10.42
C LEU B 172 -32.56 -7.75 -9.63
N ASN B 173 -33.81 -8.09 -9.92
CA ASN B 173 -34.96 -7.54 -9.21
C ASN B 173 -35.57 -8.56 -8.27
N PRO B 174 -34.72 -9.18 -7.45
CA PRO B 174 -35.14 -10.22 -6.52
C PRO B 174 -36.55 -10.71 -6.87
N SER B 175 -37.46 -9.79 -7.14
CA SER B 175 -38.80 -10.15 -7.56
C SER B 175 -38.77 -10.86 -8.92
N SER B 176 -37.94 -10.34 -9.81
CA SER B 176 -37.83 -10.82 -11.18
C SER B 176 -37.33 -12.27 -11.28
N ASP B 177 -36.41 -12.63 -10.40
CA ASP B 177 -35.85 -13.98 -10.38
C ASP B 177 -36.96 -15.02 -10.35
N VAL B 178 -36.71 -16.16 -11.00
CA VAL B 178 -37.68 -17.23 -11.06
C VAL B 178 -38.58 -17.12 -12.28
N SER B 179 -38.22 -16.23 -13.19
CA SER B 179 -39.00 -16.01 -14.40
C SER B 179 -38.40 -16.78 -15.58
N GLU B 180 -37.09 -16.71 -15.72
CA GLU B 180 -36.39 -17.41 -16.81
C GLU B 180 -35.03 -17.99 -16.40
N ARG B 181 -34.68 -19.11 -17.01
CA ARG B 181 -33.38 -19.74 -16.85
C ARG B 181 -32.27 -19.00 -17.62
N LEU B 182 -31.03 -19.18 -17.19
CA LEU B 182 -29.89 -18.55 -17.84
C LEU B 182 -28.95 -19.61 -18.41
N GLN B 183 -28.58 -19.43 -19.68
CA GLN B 183 -27.70 -20.38 -20.35
C GLN B 183 -26.54 -19.67 -21.04
N MET B 184 -25.40 -20.35 -21.10
CA MET B 184 -24.20 -19.80 -21.71
C MET B 184 -23.82 -20.60 -22.94
N PHE B 185 -23.56 -19.90 -24.03
CA PHE B 185 -23.13 -20.52 -25.28
C PHE B 185 -21.74 -19.99 -25.60
N ASP B 186 -20.94 -20.79 -26.30
CA ASP B 186 -19.60 -20.33 -26.63
C ASP B 186 -19.71 -19.07 -27.48
N ASP B 187 -18.90 -18.06 -27.17
CA ASP B 187 -19.00 -16.77 -27.85
C ASP B 187 -17.76 -16.43 -28.68
N PRO B 188 -18.00 -16.07 -29.93
CA PRO B 188 -16.96 -15.64 -30.86
C PRO B 188 -16.26 -14.36 -30.42
N ARG B 189 -17.05 -13.43 -29.87
CA ARG B 189 -16.55 -12.09 -29.58
C ARG B 189 -15.41 -12.18 -28.59
N ASN B 190 -15.57 -13.02 -27.58
CA ASN B 190 -14.45 -13.32 -26.71
C ASN B 190 -14.01 -14.76 -26.94
N LYS B 191 -12.81 -14.93 -27.49
CA LYS B 191 -12.26 -16.27 -27.63
C LYS B 191 -12.06 -16.87 -26.24
N ARG B 192 -11.58 -16.04 -25.32
CA ARG B 192 -11.27 -16.46 -23.97
C ARG B 192 -12.47 -16.97 -23.17
N GLY B 193 -13.61 -16.31 -23.32
CA GLY B 193 -14.78 -16.59 -22.49
C GLY B 193 -16.10 -16.75 -23.24
N VAL B 194 -17.03 -17.45 -22.60
CA VAL B 194 -18.34 -17.69 -23.18
C VAL B 194 -19.41 -16.89 -22.46
N ILE B 195 -20.18 -16.12 -23.23
CA ILE B 195 -21.23 -15.27 -22.68
C ILE B 195 -22.38 -16.09 -22.11
N ILE B 196 -22.99 -15.59 -21.03
CA ILE B 196 -24.10 -16.31 -20.40
C ILE B 196 -25.42 -15.58 -20.57
N LYS B 197 -26.39 -16.29 -21.16
CA LYS B 197 -27.71 -15.73 -21.40
C LYS B 197 -28.47 -15.51 -20.10
N GLY B 198 -29.29 -14.46 -20.06
CA GLY B 198 -30.08 -14.16 -18.89
C GLY B 198 -29.26 -13.52 -17.78
N LEU B 199 -28.07 -13.07 -18.13
CA LEU B 199 -27.18 -12.44 -17.18
C LEU B 199 -27.10 -10.95 -17.46
N GLU B 200 -27.36 -10.14 -16.45
CA GLU B 200 -27.33 -8.69 -16.66
C GLU B 200 -26.15 -8.05 -15.94
N GLU B 201 -25.27 -7.45 -16.73
CA GLU B 201 -24.17 -6.69 -16.18
C GLU B 201 -24.78 -5.46 -15.53
N ILE B 202 -24.26 -5.09 -14.37
CA ILE B 202 -24.77 -3.92 -13.68
C ILE B 202 -23.72 -2.83 -13.71
N THR B 203 -24.15 -1.65 -14.15
CA THR B 203 -23.29 -0.48 -14.15
C THR B 203 -23.75 0.41 -13.01
N VAL B 204 -22.81 0.80 -12.14
CA VAL B 204 -23.16 1.61 -10.98
C VAL B 204 -22.64 3.03 -11.10
N HIS B 205 -23.54 4.00 -11.01
CA HIS B 205 -23.16 5.40 -11.07
C HIS B 205 -22.27 5.85 -9.94
N ASN B 206 -22.59 5.41 -8.73
CA ASN B 206 -21.82 5.80 -7.55
C ASN B 206 -21.48 4.62 -6.64
N LYS B 207 -20.28 4.67 -6.06
CA LYS B 207 -19.80 3.60 -5.19
C LYS B 207 -20.63 3.43 -3.92
N ASP B 208 -21.00 4.55 -3.31
CA ASP B 208 -21.86 4.58 -2.13
C ASP B 208 -23.25 4.03 -2.48
N GLU B 209 -23.66 4.29 -3.71
CA GLU B 209 -24.96 3.88 -4.24
C GLU B 209 -25.11 2.36 -4.30
N VAL B 210 -23.97 1.67 -4.26
CA VAL B 210 -23.88 0.24 -4.47
C VAL B 210 -24.66 -0.60 -3.46
N TYR B 211 -24.74 -0.10 -2.23
CA TYR B 211 -25.33 -0.85 -1.13
C TYR B 211 -26.79 -1.18 -1.40
N GLN B 212 -27.50 -0.24 -2.01
CA GLN B 212 -28.89 -0.48 -2.33
C GLN B 212 -29.02 -1.66 -3.30
N ILE B 213 -28.17 -1.68 -4.32
CA ILE B 213 -28.14 -2.81 -5.23
C ILE B 213 -27.70 -4.05 -4.46
N LEU B 214 -26.62 -3.91 -3.69
CA LEU B 214 -26.17 -4.99 -2.82
C LEU B 214 -27.20 -5.27 -1.73
N GLU B 215 -27.73 -4.22 -1.13
CA GLU B 215 -28.73 -4.36 -0.09
C GLU B 215 -29.99 -5.02 -0.65
N LYS B 216 -30.39 -4.58 -1.83
CA LYS B 216 -31.49 -5.22 -2.55
C LYS B 216 -31.09 -6.64 -2.93
N GLY B 217 -29.83 -6.80 -3.35
CA GLY B 217 -29.32 -8.10 -3.73
C GLY B 217 -29.31 -9.07 -2.56
N ALA B 218 -29.01 -8.56 -1.38
CA ALA B 218 -28.96 -9.41 -0.20
C ALA B 218 -30.34 -10.03 0.07
N ALA B 219 -31.38 -9.22 -0.09
CA ALA B 219 -32.74 -9.70 0.10
C ALA B 219 -33.09 -10.77 -0.92
N LYS B 220 -32.70 -10.56 -2.18
CA LYS B 220 -33.01 -11.50 -3.23
C LYS B 220 -32.34 -12.84 -2.94
N ARG B 221 -31.08 -12.79 -2.55
CA ARG B 221 -30.36 -14.00 -2.17
C ARG B 221 -31.01 -14.62 -0.94
N THR B 222 -31.30 -13.77 0.04
CA THR B 222 -32.00 -14.23 1.25
C THR B 222 -33.41 -14.70 0.92
N THR B 223 -34.12 -13.91 0.11
CA THR B 223 -35.43 -14.29 -0.40
C THR B 223 -35.29 -15.52 -1.27
N ALA B 224 -34.22 -15.53 -2.06
CA ALA B 224 -33.82 -16.65 -2.88
C ALA B 224 -33.47 -17.83 -1.98
N ALA B 225 -32.96 -17.49 -0.80
CA ALA B 225 -32.46 -18.44 0.18
C ALA B 225 -33.54 -19.39 0.68
N THR B 226 -34.77 -18.88 0.79
CA THR B 226 -35.89 -19.67 1.27
C THR B 226 -36.07 -20.83 0.30
N LEU B 227 -36.38 -22.00 0.85
CA LEU B 227 -36.27 -23.23 0.10
C LEU B 227 -37.19 -23.33 -1.13
N MET B 228 -36.58 -23.78 -2.21
CA MET B 228 -35.12 -23.91 -2.21
C MET B 228 -34.71 -24.78 -1.02
N ASN B 229 -33.83 -24.25 -0.18
CA ASN B 229 -33.35 -25.02 0.97
C ASN B 229 -31.83 -24.99 1.07
N ALA B 230 -31.20 -25.76 0.18
CA ALA B 230 -29.76 -25.93 0.11
C ALA B 230 -28.99 -24.66 -0.21
N TYR B 231 -29.61 -23.78 -0.99
CA TYR B 231 -28.95 -22.58 -1.49
C TYR B 231 -28.48 -21.69 -0.34
N SER B 232 -27.37 -21.02 -0.56
CA SER B 232 -26.73 -20.24 0.50
C SER B 232 -25.29 -20.71 0.67
N SER B 233 -25.02 -21.38 1.79
CA SER B 233 -23.69 -21.92 2.05
C SER B 233 -23.35 -22.93 0.96
N ARG B 234 -24.33 -23.76 0.61
CA ARG B 234 -24.15 -24.70 -0.50
C ARG B 234 -23.92 -23.93 -1.79
N SER B 235 -24.64 -22.82 -1.95
CA SER B 235 -24.58 -21.97 -3.14
C SER B 235 -23.24 -21.23 -3.28
N HIS B 236 -22.86 -20.96 -4.52
CA HIS B 236 -21.64 -20.23 -4.80
C HIS B 236 -21.93 -18.96 -5.55
N SER B 237 -21.14 -17.92 -5.28
CA SER B 237 -21.32 -16.63 -5.93
C SER B 237 -20.07 -16.12 -6.63
N VAL B 238 -20.23 -15.62 -7.85
CA VAL B 238 -19.13 -15.04 -8.61
C VAL B 238 -19.39 -13.56 -8.91
N PHE B 239 -18.41 -12.72 -8.59
CA PHE B 239 -18.49 -11.30 -8.86
C PHE B 239 -17.41 -10.97 -9.88
N SER B 240 -17.83 -10.45 -11.03
CA SER B 240 -16.90 -10.12 -12.10
C SER B 240 -17.15 -8.71 -12.64
N VAL B 241 -16.79 -7.71 -11.85
CA VAL B 241 -16.96 -6.33 -12.27
C VAL B 241 -16.09 -6.04 -13.48
N THR B 242 -16.64 -5.32 -14.45
CA THR B 242 -15.91 -4.92 -15.64
C THR B 242 -15.82 -3.41 -15.70
N ILE B 243 -14.63 -2.89 -15.95
CA ILE B 243 -14.41 -1.44 -15.94
C ILE B 243 -14.00 -0.87 -17.29
N HIS B 244 -14.66 0.20 -17.70
CA HIS B 244 -14.29 0.91 -18.89
C HIS B 244 -13.64 2.18 -18.44
N MET B 245 -12.37 2.35 -18.80
CA MET B 245 -11.61 3.53 -18.37
C MET B 245 -10.96 4.27 -19.54
N LYS B 246 -11.10 5.59 -19.54
CA LYS B 246 -10.50 6.41 -20.58
C LYS B 246 -9.45 7.31 -19.97
N GLU B 247 -8.23 7.23 -20.48
CA GLU B 247 -7.14 8.10 -20.07
C GLU B 247 -6.57 8.84 -21.29
N THR B 248 -6.36 10.14 -21.14
CA THR B 248 -5.88 10.99 -22.22
C THR B 248 -4.51 11.59 -21.89
N THR B 249 -3.62 11.56 -22.87
CA THR B 249 -2.25 12.02 -22.70
C THR B 249 -1.98 13.31 -23.47
N ILE B 250 -1.14 14.18 -22.92
CA ILE B 250 -0.87 15.43 -23.61
C ILE B 250 -0.23 15.13 -24.97
N ASP B 251 0.71 14.19 -24.99
CA ASP B 251 1.07 13.55 -26.23
C ASP B 251 -0.21 12.85 -26.62
N GLY B 252 -0.90 12.32 -25.62
CA GLY B 252 -2.25 11.79 -25.80
C GLY B 252 -3.20 12.94 -26.09
N GLU B 253 -4.28 12.65 -26.80
CA GLU B 253 -4.62 11.30 -27.19
C GLU B 253 -5.56 10.69 -26.16
N GLU B 254 -6.26 9.63 -26.56
CA GLU B 254 -7.23 8.99 -25.69
C GLU B 254 -6.81 7.57 -25.36
N LEU B 255 -6.77 7.25 -24.08
CA LEU B 255 -6.42 5.90 -23.65
C LEU B 255 -7.65 5.25 -23.02
N VAL B 256 -8.05 4.12 -23.58
CA VAL B 256 -9.18 3.38 -23.05
C VAL B 256 -8.69 2.04 -22.54
N LYS B 257 -8.96 1.77 -21.27
CA LYS B 257 -8.56 0.50 -20.69
C LYS B 257 -9.79 -0.24 -20.17
N ILE B 258 -9.94 -1.49 -20.59
CA ILE B 258 -11.02 -2.31 -20.08
C ILE B 258 -10.42 -3.35 -19.14
N GLY B 259 -10.77 -3.25 -17.87
CA GLY B 259 -10.27 -4.17 -16.87
C GLY B 259 -11.38 -4.92 -16.19
N LYS B 260 -11.24 -6.24 -16.13
CA LYS B 260 -12.23 -7.09 -15.48
C LYS B 260 -11.63 -7.80 -14.28
N LEU B 261 -12.20 -7.55 -13.10
CA LEU B 261 -11.68 -8.14 -11.88
C LEU B 261 -12.66 -9.16 -11.32
N ASN B 262 -12.15 -10.35 -11.00
CA ASN B 262 -13.00 -11.42 -10.52
C ASN B 262 -12.68 -11.83 -9.09
N LEU B 263 -13.70 -11.77 -8.23
CA LEU B 263 -13.58 -12.23 -6.86
C LEU B 263 -14.53 -13.39 -6.73
N VAL B 264 -14.03 -14.52 -6.27
CA VAL B 264 -14.83 -15.73 -6.24
C VAL B 264 -15.14 -16.24 -4.84
N ASP B 265 -16.42 -16.53 -4.61
CA ASP B 265 -16.88 -17.16 -3.38
C ASP B 265 -17.31 -18.58 -3.74
N LEU B 266 -16.81 -19.56 -2.98
CA LEU B 266 -17.03 -20.96 -3.30
C LEU B 266 -17.87 -21.68 -2.25
N ALA B 267 -18.73 -22.59 -2.71
CA ALA B 267 -19.46 -23.48 -1.82
C ALA B 267 -18.46 -24.46 -1.19
N GLY B 268 -18.72 -24.80 0.08
CA GLY B 268 -17.81 -25.53 0.93
C GLY B 268 -17.46 -26.96 0.56
N SER B 269 -16.21 -27.32 0.86
CA SER B 269 -15.61 -28.59 0.45
C SER B 269 -15.43 -29.57 1.61
N GLU B 270 -16.22 -29.38 2.66
CA GLU B 270 -16.01 -30.04 3.94
C GLU B 270 -16.10 -31.55 3.91
N ASN B 271 -16.99 -32.09 3.08
CA ASN B 271 -17.25 -33.52 3.07
C ASN B 271 -16.04 -34.37 2.71
N ILE B 272 -15.27 -33.92 1.71
CA ILE B 272 -14.12 -34.68 1.22
C ILE B 272 -13.00 -34.82 2.25
N GLY B 273 -12.46 -36.03 2.36
CA GLY B 273 -11.35 -36.31 3.24
C GLY B 273 -10.04 -35.75 2.71
N ARG B 274 -9.09 -35.59 3.62
CA ARG B 274 -7.70 -35.35 3.28
C ARG B 274 -7.22 -36.69 2.76
N SER B 275 -5.96 -36.76 2.30
CA SER B 275 -5.52 -37.92 1.55
C SER B 275 -5.80 -39.16 2.39
N GLY B 276 -6.22 -40.23 1.72
CA GLY B 276 -6.73 -41.39 2.42
C GLY B 276 -8.18 -41.05 2.64
N ALA B 277 -8.57 -39.92 2.07
CA ALA B 277 -9.93 -39.53 1.67
C ALA B 277 -10.85 -40.68 1.26
N VAL B 278 -11.18 -41.56 2.20
CA VAL B 278 -11.78 -42.85 1.89
C VAL B 278 -13.14 -42.90 1.17
N ASP B 279 -14.07 -42.01 1.50
CA ASP B 279 -15.45 -42.21 1.09
C ASP B 279 -15.65 -42.26 -0.43
N LYS B 280 -15.10 -41.28 -1.14
CA LYS B 280 -15.14 -41.29 -2.60
C LYS B 280 -16.57 -41.44 -3.12
N ARG B 281 -16.74 -42.28 -4.15
CA ARG B 281 -18.06 -42.39 -4.74
C ARG B 281 -19.10 -42.96 -3.78
N ALA B 282 -18.81 -44.10 -3.17
CA ALA B 282 -19.69 -44.64 -2.14
C ALA B 282 -19.71 -43.71 -0.93
N ARG B 283 -18.53 -43.30 -0.50
CA ARG B 283 -18.39 -42.51 0.72
C ARG B 283 -19.10 -41.16 0.58
N GLU B 284 -18.79 -40.44 -0.48
CA GLU B 284 -19.34 -39.10 -0.69
C GLU B 284 -19.86 -38.87 -2.12
N ALA B 285 -20.93 -38.09 -2.25
CA ALA B 285 -21.41 -37.62 -3.56
C ALA B 285 -21.77 -36.12 -3.59
N GLY B 286 -21.33 -35.41 -4.63
CA GLY B 286 -21.66 -34.00 -4.78
C GLY B 286 -21.80 -33.57 -6.23
N ASN B 287 -22.74 -32.66 -6.51
CA ASN B 287 -22.89 -32.14 -7.85
C ASN B 287 -22.24 -30.77 -7.99
N ILE B 288 -22.64 -29.85 -7.12
CA ILE B 288 -21.96 -28.56 -7.01
C ILE B 288 -20.53 -28.78 -6.53
N ASN B 289 -20.39 -29.68 -5.56
CA ASN B 289 -19.10 -30.00 -4.94
C ASN B 289 -18.06 -30.62 -5.86
N GLN B 290 -18.53 -31.47 -6.78
CA GLN B 290 -17.65 -32.20 -7.70
C GLN B 290 -16.85 -31.27 -8.61
N SER B 291 -17.49 -30.17 -9.01
CA SER B 291 -16.91 -29.19 -9.91
C SER B 291 -15.66 -28.52 -9.33
N LEU B 292 -15.67 -28.32 -8.02
CA LEU B 292 -14.61 -27.62 -7.30
C LEU B 292 -13.25 -28.31 -7.43
N LEU B 293 -13.27 -29.62 -7.52
CA LEU B 293 -12.06 -30.42 -7.58
C LEU B 293 -11.24 -30.05 -8.81
N THR B 294 -11.94 -29.75 -9.90
CA THR B 294 -11.32 -29.44 -11.18
C THR B 294 -10.43 -28.21 -11.09
N LEU B 295 -10.87 -27.21 -10.32
CA LEU B 295 -10.09 -25.99 -10.18
C LEU B 295 -8.76 -26.35 -9.56
N GLY B 296 -8.79 -27.23 -8.56
CA GLY B 296 -7.56 -27.75 -8.00
C GLY B 296 -6.82 -28.54 -9.06
N ARG B 297 -7.54 -29.36 -9.81
CA ARG B 297 -6.93 -30.10 -10.91
C ARG B 297 -6.42 -29.11 -11.96
N VAL B 298 -7.26 -28.15 -12.32
CA VAL B 298 -6.83 -27.09 -13.23
C VAL B 298 -5.74 -26.27 -12.58
N ILE B 299 -5.96 -25.90 -11.32
CA ILE B 299 -5.00 -25.08 -10.59
C ILE B 299 -3.68 -25.82 -10.44
N THR B 300 -3.77 -27.10 -10.07
CA THR B 300 -2.58 -27.91 -9.82
C THR B 300 -1.70 -28.10 -11.05
N ALA B 301 -2.34 -28.38 -12.19
CA ALA B 301 -1.63 -28.53 -13.45
C ALA B 301 -0.97 -27.23 -13.89
N LEU B 302 -1.67 -26.13 -13.68
CA LEU B 302 -1.18 -24.81 -14.10
C LEU B 302 0.12 -24.38 -13.43
N VAL B 303 0.23 -24.64 -12.12
CA VAL B 303 1.44 -24.33 -11.38
C VAL B 303 2.57 -25.17 -11.95
N GLU B 304 2.21 -26.38 -12.35
CA GLU B 304 3.06 -27.26 -13.12
C GLU B 304 3.35 -26.55 -14.44
N ARG B 305 2.36 -25.82 -14.94
CA ARG B 305 2.47 -25.22 -16.27
C ARG B 305 2.14 -26.24 -17.35
N THR B 306 1.51 -27.33 -16.96
CA THR B 306 1.19 -28.41 -17.90
C THR B 306 0.26 -27.92 -19.00
N PRO B 307 0.49 -28.40 -20.21
CA PRO B 307 -0.29 -27.98 -21.39
C PRO B 307 -1.78 -28.33 -21.31
N HIS B 308 -2.11 -29.51 -20.81
CA HIS B 308 -3.49 -29.97 -20.80
C HIS B 308 -4.38 -29.13 -19.92
N VAL B 309 -5.56 -28.82 -20.42
CA VAL B 309 -6.49 -27.94 -19.73
C VAL B 309 -7.82 -28.61 -19.39
N PRO B 310 -8.27 -28.39 -18.17
CA PRO B 310 -9.55 -28.92 -17.66
C PRO B 310 -10.64 -27.86 -17.69
N TYR B 311 -10.46 -26.81 -18.47
CA TYR B 311 -11.38 -25.67 -18.42
C TYR B 311 -12.82 -26.05 -18.73
N ARG B 312 -13.00 -26.95 -19.70
CA ARG B 312 -14.32 -27.34 -20.19
C ARG B 312 -15.22 -28.01 -19.16
N GLU B 313 -14.61 -28.82 -18.30
CA GLU B 313 -15.35 -29.69 -17.38
C GLU B 313 -16.24 -28.92 -16.40
N SER B 314 -15.74 -27.80 -15.89
CA SER B 314 -16.41 -27.06 -14.83
C SER B 314 -16.82 -25.66 -15.28
N LYS B 315 -18.00 -25.23 -14.82
CA LYS B 315 -18.55 -23.94 -15.24
C LYS B 315 -17.65 -22.80 -14.82
N LEU B 316 -17.11 -22.85 -13.61
CA LEU B 316 -16.20 -21.80 -13.17
C LEU B 316 -14.98 -21.79 -14.08
N THR B 317 -14.42 -22.97 -14.34
CA THR B 317 -13.31 -23.06 -15.27
C THR B 317 -13.72 -22.66 -16.68
N ARG B 318 -14.86 -23.17 -17.15
CA ARG B 318 -15.33 -22.81 -18.48
C ARG B 318 -15.64 -21.33 -18.57
N ILE B 319 -16.33 -20.81 -17.57
CA ILE B 319 -16.55 -19.37 -17.42
C ILE B 319 -15.24 -18.63 -17.19
N LEU B 320 -14.38 -19.27 -16.40
CA LEU B 320 -13.15 -18.68 -15.85
C LEU B 320 -12.05 -18.32 -16.85
N GLN B 321 -12.11 -18.90 -18.04
CA GLN B 321 -10.98 -18.93 -18.95
C GLN B 321 -10.46 -17.58 -19.45
N ASP B 322 -11.35 -16.64 -19.73
CA ASP B 322 -10.88 -15.40 -20.33
C ASP B 322 -9.90 -14.65 -19.42
N SER B 323 -10.27 -14.45 -18.16
CA SER B 323 -9.34 -13.88 -17.20
C SER B 323 -8.15 -14.81 -16.90
N LEU B 324 -8.44 -16.09 -16.68
CA LEU B 324 -7.39 -17.06 -16.37
C LEU B 324 -6.38 -17.28 -17.49
N GLY B 325 -6.87 -17.41 -18.72
CA GLY B 325 -6.03 -17.75 -19.85
C GLY B 325 -4.98 -16.72 -20.19
N GLY B 326 -5.38 -15.46 -20.19
CA GLY B 326 -4.48 -14.36 -20.47
C GLY B 326 -3.56 -14.21 -19.28
N ARG B 327 -2.39 -13.60 -19.46
CA ARG B 327 -1.49 -13.44 -18.33
C ARG B 327 -2.21 -12.63 -17.28
N THR B 328 -2.21 -13.14 -16.05
CA THR B 328 -2.98 -12.53 -14.97
C THR B 328 -2.40 -12.87 -13.61
N ARG B 329 -2.82 -12.14 -12.59
CA ARG B 329 -2.39 -12.42 -11.23
C ARG B 329 -3.55 -13.02 -10.44
N THR B 330 -3.30 -14.17 -9.83
CA THR B 330 -4.35 -14.88 -9.09
C THR B 330 -3.99 -14.98 -7.62
N SER B 331 -4.93 -14.55 -6.78
CA SER B 331 -4.76 -14.60 -5.35
C SER B 331 -5.78 -15.53 -4.74
N ILE B 332 -5.29 -16.48 -3.96
CA ILE B 332 -6.15 -17.40 -3.27
C ILE B 332 -5.95 -17.13 -1.79
N ILE B 333 -7.06 -16.91 -1.11
CA ILE B 333 -7.06 -16.71 0.33
C ILE B 333 -8.12 -17.64 0.91
N ALA B 334 -7.81 -18.93 0.92
CA ALA B 334 -8.73 -19.92 1.45
C ALA B 334 -8.95 -19.67 2.93
N THR B 335 -10.18 -19.84 3.41
CA THR B 335 -10.47 -19.58 4.81
C THR B 335 -10.82 -20.86 5.57
N ILE B 336 -10.04 -21.15 6.60
CA ILE B 336 -10.24 -22.37 7.36
C ILE B 336 -10.55 -22.05 8.81
N SER B 337 -11.63 -22.63 9.32
CA SER B 337 -12.00 -22.43 10.72
C SER B 337 -10.97 -23.00 11.67
N PRO B 338 -10.65 -22.18 12.68
CA PRO B 338 -9.71 -22.50 13.76
C PRO B 338 -10.18 -23.64 14.64
N ALA B 339 -11.50 -23.78 14.73
CA ALA B 339 -12.13 -24.69 15.68
C ALA B 339 -11.75 -26.15 15.44
N SER B 340 -11.86 -26.94 16.49
CA SER B 340 -11.28 -28.28 16.55
C SER B 340 -11.79 -29.24 15.46
N LEU B 341 -13.05 -29.10 15.09
CA LEU B 341 -13.70 -30.08 14.22
C LEU B 341 -12.97 -30.17 12.89
N ASN B 342 -12.65 -29.03 12.31
CA ASN B 342 -11.93 -28.98 11.05
C ASN B 342 -10.57 -29.61 11.20
N LEU B 343 -9.88 -29.26 12.29
CA LEU B 343 -8.58 -29.84 12.58
C LEU B 343 -8.08 -30.69 11.41
N GLU B 344 -8.41 -31.98 11.45
CA GLU B 344 -8.10 -32.91 10.37
C GLU B 344 -8.81 -32.54 9.07
N GLU B 345 -10.05 -32.09 9.22
CA GLU B 345 -10.90 -31.69 8.09
C GLU B 345 -10.29 -30.52 7.34
N THR B 346 -9.61 -29.65 8.09
CA THR B 346 -8.96 -28.46 7.55
C THR B 346 -7.89 -28.81 6.54
N LEU B 347 -7.22 -29.94 6.77
CA LEU B 347 -6.11 -30.40 5.95
C LEU B 347 -6.53 -30.70 4.51
N SER B 348 -7.75 -31.20 4.34
CA SER B 348 -8.22 -31.53 3.00
C SER B 348 -8.22 -30.27 2.16
N THR B 349 -8.73 -29.18 2.73
CA THR B 349 -8.62 -27.87 2.10
C THR B 349 -7.14 -27.48 2.04
N LEU B 350 -6.44 -27.75 3.13
CA LEU B 350 -4.99 -27.58 3.19
C LEU B 350 -4.33 -28.51 2.19
N GLU B 351 -4.95 -29.67 1.99
CA GLU B 351 -4.41 -30.73 1.14
C GLU B 351 -4.26 -30.24 -0.30
N TYR B 352 -5.15 -29.35 -0.70
CA TYR B 352 -5.21 -28.87 -2.08
C TYR B 352 -3.91 -28.19 -2.51
N ALA B 353 -3.31 -27.42 -1.61
CA ALA B 353 -2.14 -26.66 -2.01
C ALA B 353 -1.02 -27.58 -2.47
N HIS B 354 -0.72 -28.62 -1.69
CA HIS B 354 0.27 -29.57 -2.12
C HIS B 354 -0.20 -30.29 -3.35
N ARG B 355 -1.40 -30.85 -3.27
CA ARG B 355 -2.00 -31.55 -4.39
C ARG B 355 -2.30 -30.57 -5.52
N ALA B 356 -2.93 -29.45 -5.18
CA ALA B 356 -3.21 -28.41 -6.17
C ALA B 356 -1.88 -27.88 -6.69
N LYS B 357 -0.95 -27.65 -5.76
CA LYS B 357 0.36 -27.15 -6.09
C LYS B 357 1.40 -27.77 -5.16
N ASN B 358 2.66 -27.74 -5.57
CA ASN B 358 3.74 -28.19 -4.70
C ASN B 358 4.57 -27.00 -4.19
N ILE B 359 4.71 -26.91 -2.87
CA ILE B 359 5.40 -25.77 -2.24
C ILE B 359 6.54 -26.17 -1.31
N LEU B 360 7.66 -25.45 -1.43
CA LEU B 360 8.86 -25.66 -0.63
C LEU B 360 8.75 -25.15 0.82
N ASN B 361 9.62 -25.64 1.69
CA ASN B 361 9.59 -25.27 3.11
C ASN B 361 10.86 -24.53 3.57
N LYS B 362 10.65 -23.41 4.26
CA LYS B 362 11.76 -22.59 4.71
C LYS B 362 12.64 -23.32 5.73
N PRO B 363 13.90 -22.89 5.83
CA PRO B 363 14.85 -23.50 6.77
C PRO B 363 14.56 -23.07 8.21
N GLU B 364 14.38 -24.04 9.10
CA GLU B 364 14.11 -23.76 10.51
C GLU B 364 15.29 -23.04 11.16
PB ADP C . 7.85 23.07 10.88
O1B ADP C . 7.74 23.79 9.56
O2B ADP C . 8.06 21.58 10.74
O3B ADP C . 6.73 23.43 11.83
PA ADP C . 9.68 25.08 11.90
O1A ADP C . 8.46 25.97 11.96
O2A ADP C . 10.80 25.45 10.97
O3A ADP C . 9.21 23.55 11.62
O5' ADP C . 10.41 25.10 13.33
C5' ADP C . 11.53 25.98 13.45
C4' ADP C . 11.63 26.75 14.76
O4' ADP C . 12.20 25.91 15.77
C3' ADP C . 12.56 27.93 14.58
O3' ADP C . 12.08 29.10 15.27
C2' ADP C . 13.86 27.51 15.20
O2' ADP C . 14.49 28.64 15.79
C1' ADP C . 13.44 26.44 16.22
N9 ADP C . 14.45 25.37 16.27
C8 ADP C . 14.48 24.20 15.60
N7 ADP C . 15.61 23.51 15.92
C5 ADP C . 16.31 24.24 16.81
C6 ADP C . 17.57 24.12 17.57
N6 ADP C . 18.38 23.03 17.46
N1 ADP C . 17.91 25.14 18.40
C2 ADP C . 17.14 26.24 18.54
N3 ADP C . 15.98 26.41 17.88
C4 ADP C . 15.53 25.47 17.03
CD CD D . -2.01 -0.70 -1.40
CD CD E . 27.68 35.11 -2.22
CD CD F . 30.83 13.15 -0.44
CD CD G . 17.86 15.95 22.41
CD CD H . 5.35 20.37 9.81
CD CD I . 30.43 15.18 0.48
CD CD J . 34.65 14.11 -13.04
CD CD K . 0.23 5.82 -19.11
CD CD L . 16.96 19.19 -19.12
CL CL M . 33.10 14.03 -1.16
CAW 6LX N . 17.56 31.91 6.63
CAX 6LX N . 18.96 31.77 6.81
CAY 6LX N . 19.52 30.50 7.01
CAZ 6LX N . 21.08 30.35 7.21
CAO 6LX N . 18.70 29.38 7.04
CAN 6LX N . 17.31 29.52 6.86
CAM 6LX N . 16.75 30.80 6.66
CAL 6LX N . 15.25 30.96 6.46
OAV 6LX N . 14.54 31.10 7.47
NAK 6LX N . 14.63 30.96 5.12
CAU 6LX N . 13.15 31.12 5.00
CBC 6LX N . 12.27 29.87 5.13
CBD 6LX N . 12.08 29.28 6.50
NBE 6LX N . 13.31 28.82 7.24
CAJ 6LX N . 15.51 30.79 3.94
CAB 6LX N . 16.29 32.00 3.63
CAA 6LX N . 16.49 32.21 2.08
CAC 6LX N . 15.87 33.34 4.39
CAI 6LX N . 14.69 30.33 2.73
OAH 6LX N . 13.73 31.12 2.31
CAG 6LX N . 12.92 30.84 1.22
CAF 6LX N . 11.89 31.77 0.82
CAE 6LX N . 11.06 31.47 -0.29
CLA 6LX N . 9.83 32.57 -0.75
CAP 6LX N . 11.24 30.26 -1.02
CAQ 6LX N . 12.25 29.35 -0.64
CAR 6LX N . 13.09 29.64 0.50
CAS 6LX N . 14.15 28.71 0.92
OBA 6LX N . 14.35 27.52 0.22
CAT 6LX N . 14.97 29.06 2.05
CBB 6LX N . 16.08 28.07 2.49
CBG 6LX N . 17.42 28.76 2.71
CBF 6LX N . 17.65 29.37 3.95
CBI 6LX N . 18.89 30.03 4.23
CBJ 6LX N . 19.89 30.09 3.26
CBK 6LX N . 19.67 29.47 1.98
CBH 6LX N . 18.45 28.82 1.71
CL CL O . 16.40 11.16 21.70
CL CL P . 32.27 14.79 2.75
CL CL Q . 16.94 13.35 23.58
CL CL R . -0.79 7.21 -13.81
PB ADP S . -17.58 -18.74 5.05
O1B ADP S . -17.60 -17.49 4.19
O2B ADP S . -16.36 -19.60 4.87
O3B ADP S . -18.88 -19.51 5.05
PA ADP S . -18.35 -16.92 7.03
O1A ADP S . -19.81 -17.29 6.86
O2A ADP S . -17.80 -15.67 6.37
O3A ADP S . -17.45 -18.17 6.55
O5' ADP S . -18.02 -16.84 8.61
C5' ADP S . -19.07 -16.95 9.56
C4' ADP S . -18.65 -16.24 10.85
O4' ADP S . -17.23 -16.20 10.94
C3' ADP S . -19.16 -14.80 10.87
O3' ADP S . -20.03 -14.60 11.98
C2' ADP S . -17.94 -13.92 11.00
O2' ADP S . -18.01 -13.15 12.19
C1' ADP S . -16.74 -14.86 11.04
N9 ADP S . -15.82 -14.58 9.91
C8 ADP S . -16.05 -14.89 8.62
N7 ADP S . -15.02 -14.48 7.83
C5 ADP S . -14.10 -13.90 8.62
C6 ADP S . -12.78 -13.26 8.45
N6 ADP S . -12.21 -13.16 7.21
N1 ADP S . -12.16 -12.78 9.53
C2 ADP S . -12.71 -12.88 10.77
N3 ADP S . -13.90 -13.44 11.00
C4 ADP S . -14.64 -13.96 10.00
CD CD T . -6.50 -17.31 13.87
CD CD U . -20.08 -17.70 2.67
CD CD V . -4.70 -19.14 13.66
CD CD W . -10.94 -34.28 -17.10
CD CD X . -27.04 3.42 -10.30
CD CD Y . -1.26 -0.77 -5.41
CD CD Z . 10.78 -16.73 6.04
CD CD AA . -12.38 -10.06 -22.01
CD CD BA . -16.91 -8.31 -19.09
CD CD CA . -6.26 9.44 -2.81
CAW 6LX DA . -22.99 -4.43 5.03
CAX 6LX DA . -22.13 -3.31 5.11
CAY 6LX DA . -20.74 -3.48 5.03
CAZ 6LX DA . -19.77 -2.22 5.12
CAO 6LX DA . -20.20 -4.74 4.86
CAN 6LX DA . -21.07 -5.84 4.77
CAM 6LX DA . -22.46 -5.68 4.86
CAL 6LX DA . -23.29 -6.92 4.75
OAV 6LX DA . -23.45 -7.64 5.76
NAK 6LX DA . -23.86 -7.33 3.46
CAU 6LX DA . -24.61 -8.63 3.44
CBC 6LX DA . -23.81 -9.93 3.46
CBD 6LX DA . -22.71 -10.22 4.45
NBE 6LX DA . -21.51 -9.32 4.55
CAJ 6LX DA . -23.62 -6.46 2.29
CAB 6LX DA . -24.59 -5.37 2.01
CAA 6LX DA . -24.15 -4.34 0.91
CAC 6LX DA . -26.14 -5.72 1.90
CAI 6LX DA . -23.36 -7.28 1.04
OAH 6LX DA . -24.38 -7.74 0.37
CAG 6LX DA . -24.24 -8.50 -0.77
CAF 6LX DA . -25.41 -8.97 -1.43
CAE 6LX DA . -25.26 -9.75 -2.61
CLA 6LX DA . -26.65 -10.32 -3.41
CAP 6LX DA . -23.97 -10.05 -3.11
CAQ 6LX DA . -22.81 -9.60 -2.47
CAR 6LX DA . -22.96 -8.81 -1.28
CAS 6LX DA . -21.78 -8.30 -0.57
OBA 6LX DA . -20.51 -8.55 -1.02
CAT 6LX DA . -22.01 -7.53 0.63
CBB 6LX DA . -20.80 -6.97 1.38
CBG 6LX DA . -20.54 -5.64 0.74
CBF 6LX DA . -20.81 -4.52 1.52
CBI 6LX DA . -20.60 -3.22 0.98
CBJ 6LX DA . -20.13 -3.09 -0.32
CBK 6LX DA . -19.86 -4.24 -1.14
CBH 6LX DA . -20.07 -5.52 -0.60
CD CD EA . -19.01 -0.70 -22.42
CL CL FA . -21.09 -26.38 -0.13
CD CD GA . -2.15 -14.13 12.41
CD CD HA . -31.80 -31.80 -7.65
CL CL IA . -16.14 -12.06 -21.26
CL CL JA . -10.05 -7.92 -22.06
#